data_4K3D
#
_entry.id   4K3D
#
_cell.length_a   71.410
_cell.length_b   127.600
_cell.length_c   127.870
_cell.angle_alpha   90.00
_cell.angle_beta   90.00
_cell.angle_gamma   90.00
#
_symmetry.space_group_name_H-M   'P 21 21 21'
#
loop_
_entity.id
_entity.type
_entity.pdbx_description
1 polymer 'BOVINE ANTIBODY WITH ULTRALONG CDR H3, HEAVY CHAIN'
2 polymer 'BOVINE ANTIBODY WITH ULTRALONG CDR H3, LIGHT CHAIN'
3 non-polymer 'POTASSIUM ION'
4 non-polymer 'CITRIC ACID'
5 water water
#
loop_
_entity_poly.entity_id
_entity_poly.type
_entity_poly.pdbx_seq_one_letter_code
_entity_poly.pdbx_strand_id
1 'polypeptide(L)'
;(PCA)VQLRESGPSLVKPSQTLSLTCTASGFSLSDKAVGWVRQAPGKALEWLGSIDTGGNTGYNPGLKSRLSITKDNSKS
QVSLSVSSVTTEDSATYYCTSVHQETKKYQSCPDGYRERSDCSNRPACGTSDCCRVSVFGNCLTTLPVSYSYTYNYEWHV
DVWGQGLLVTVSSASTTAPKVYPLSSCCGDKSSSTVTLGCLVSSYMPEPVTVTWNSGALKSGVHTFPAVLQSSGLYSLSS
MVTVPGSTSGQTFTCNVAHPASSTKVDKAVEPKSCDGSHHHHHH
;
H,I
2 'polypeptide(L)'
;(PCA)AVLNQPSSVSGSLGQRVSITCSGSSSNVGNGYVSWYQLIPGSAPRTLIYGDTSRASGVPDRFSGSRSGNTATLTI
SSLQAEDEADYFCASAEDSSSNAVFGSGTTLTVLGQPKSPPSVTLFPPSTEELNGNKATLVCLISDFYPGSVTVVWKADG
STITRNVETTRASKQSNSKYAASSYLSLTSSDWKSKGSYSCEVTHEGSTVTKTVKPSECS
;
L,M
#
loop_
_chem_comp.id
_chem_comp.type
_chem_comp.name
_chem_comp.formula
CIT non-polymer 'CITRIC ACID' 'C6 H8 O7'
K non-polymer 'POTASSIUM ION' 'K 1'
#
# COMPACT_ATOMS: atom_id res chain seq x y z
N PCA A 1 24.39 13.89 -27.16
CA PCA A 1 24.54 12.95 -25.99
CB PCA A 1 23.34 13.11 -25.04
CG PCA A 1 22.41 14.14 -25.65
CD PCA A 1 23.12 14.57 -26.91
OE PCA A 1 22.63 15.44 -27.65
C PCA A 1 24.65 11.49 -26.43
O PCA A 1 24.51 11.18 -27.61
N VAL A 2 24.92 10.61 -25.49
CA VAL A 2 25.05 9.20 -25.80
C VAL A 2 23.72 8.67 -26.32
N GLN A 3 23.78 7.87 -27.39
CA GLN A 3 22.59 7.25 -27.98
C GLN A 3 22.49 5.81 -27.51
N LEU A 4 21.37 5.51 -26.86
CA LEU A 4 21.11 4.19 -26.32
C LEU A 4 19.95 3.55 -27.08
N ARG A 5 20.12 2.30 -27.49
N ARG A 5 20.10 2.28 -27.44
CA ARG A 5 19.08 1.56 -28.20
CA ARG A 5 19.07 1.58 -28.20
C ARG A 5 19.03 0.13 -27.69
C ARG A 5 18.99 0.11 -27.77
N GLU A 6 17.92 -0.22 -27.06
CA GLU A 6 17.69 -1.56 -26.57
C GLU A 6 17.23 -2.45 -27.70
N SER A 7 17.64 -3.71 -27.67
N SER A 7 17.63 -3.71 -27.66
CA SER A 7 17.11 -4.70 -28.60
CA SER A 7 17.15 -4.72 -28.59
C SER A 7 17.00 -6.05 -27.93
C SER A 7 16.98 -6.05 -27.89
N GLY A 8 16.10 -6.88 -28.42
CA GLY A 8 15.87 -8.21 -27.88
C GLY A 8 14.42 -8.65 -28.04
N PRO A 9 14.11 -9.88 -27.62
CA PRO A 9 12.75 -10.40 -27.76
C PRO A 9 11.73 -9.69 -26.89
N SER A 10 10.54 -9.45 -27.40
CA SER A 10 9.50 -8.83 -26.58
C SER A 10 8.70 -9.90 -25.83
N LEU A 11 8.95 -11.18 -26.17
CA LEU A 11 8.23 -12.30 -25.60
C LEU A 11 9.19 -13.45 -25.27
N VAL A 12 9.12 -13.93 -24.04
N VAL A 12 9.18 -13.90 -24.03
CA VAL A 12 9.98 -15.02 -23.57
CA VAL A 12 9.96 -15.07 -23.64
C VAL A 12 9.14 -15.96 -22.72
C VAL A 12 9.12 -15.97 -22.76
N LYS A 13 9.45 -17.25 -22.77
CA LYS A 13 8.73 -18.23 -21.98
C LYS A 13 9.29 -18.35 -20.56
N PRO A 14 8.43 -18.68 -19.59
CA PRO A 14 8.92 -18.85 -18.23
C PRO A 14 10.06 -19.88 -18.15
N SER A 15 11.01 -19.64 -17.25
CA SER A 15 12.16 -20.51 -17.00
C SER A 15 13.28 -20.35 -18.04
N GLN A 16 13.00 -19.65 -19.13
CA GLN A 16 14.04 -19.34 -20.13
C GLN A 16 14.90 -18.16 -19.67
N THR A 17 15.97 -17.91 -20.40
CA THR A 17 16.83 -16.75 -20.14
C THR A 17 16.43 -15.58 -21.03
N LEU A 18 16.23 -14.42 -20.40
CA LEU A 18 15.94 -13.20 -21.12
C LEU A 18 17.26 -12.53 -21.44
N SER A 19 17.52 -12.33 -22.72
CA SER A 19 18.74 -11.68 -23.19
C SER A 19 18.43 -10.43 -23.95
N LEU A 20 18.96 -9.31 -23.47
CA LEU A 20 18.77 -8.03 -24.13
C LEU A 20 20.12 -7.45 -24.48
N THR A 21 20.13 -6.57 -25.46
N THR A 21 20.09 -6.54 -25.44
CA THR A 21 21.33 -5.86 -25.85
CA THR A 21 21.28 -5.84 -25.91
C THR A 21 21.04 -4.38 -26.01
C THR A 21 20.98 -4.35 -25.93
N CYS A 22 22.05 -3.58 -25.68
N CYS A 22 22.01 -3.53 -25.74
CA CYS A 22 22.01 -2.14 -25.84
CA CYS A 22 21.89 -2.09 -25.93
C CYS A 22 23.23 -1.74 -26.67
C CYS A 22 23.16 -1.50 -26.52
N THR A 23 23.03 -0.93 -27.70
CA THR A 23 24.15 -0.28 -28.37
C THR A 23 24.24 1.09 -27.76
N ALA A 24 25.43 1.45 -27.27
CA ALA A 24 25.63 2.72 -26.60
C ALA A 24 26.68 3.47 -27.40
N SER A 25 26.23 4.47 -28.15
CA SER A 25 27.11 5.21 -29.05
C SER A 25 27.19 6.65 -28.61
N GLY A 26 28.41 7.18 -28.54
CA GLY A 26 28.61 8.56 -28.13
C GLY A 26 30.09 8.86 -28.06
N PHE A 27 30.47 9.80 -27.19
CA PHE A 27 31.87 10.13 -26.95
C PHE A 27 32.60 8.86 -26.52
N SER A 28 33.67 8.51 -27.22
CA SER A 28 34.38 7.27 -26.91
C SER A 28 35.12 7.37 -25.58
N LEU A 29 35.40 8.57 -25.11
CA LEU A 29 36.04 8.76 -23.80
C LEU A 29 35.04 9.04 -22.69
N SER A 30 33.78 8.70 -22.92
CA SER A 30 32.78 8.90 -21.89
C SER A 30 33.07 8.00 -20.70
N ASP A 31 32.99 8.58 -19.49
CA ASP A 31 33.23 7.84 -18.25
C ASP A 31 31.94 7.45 -17.54
N LYS A 32 30.80 7.64 -18.21
CA LYS A 32 29.55 7.06 -17.73
C LYS A 32 29.60 5.54 -17.84
N ALA A 33 28.85 4.86 -17.00
CA ALA A 33 28.64 3.44 -17.17
C ALA A 33 27.38 3.24 -18.00
N VAL A 34 27.19 2.03 -18.47
CA VAL A 34 25.93 1.65 -19.07
C VAL A 34 25.28 0.65 -18.14
N GLY A 35 24.04 0.96 -17.80
CA GLY A 35 23.26 0.20 -16.86
C GLY A 35 21.89 -0.18 -17.39
N TRP A 36 21.21 -1.00 -16.60
CA TRP A 36 19.89 -1.46 -16.92
C TRP A 36 19.03 -1.23 -15.71
N VAL A 37 17.88 -0.64 -15.97
CA VAL A 37 16.83 -0.40 -15.00
C VAL A 37 15.57 -1.02 -15.59
N ARG A 38 14.72 -1.59 -14.75
CA ARG A 38 13.43 -2.02 -15.25
C ARG A 38 12.29 -1.50 -14.40
N GLN A 39 11.13 -1.45 -15.00
CA GLN A 39 9.93 -1.24 -14.28
C GLN A 39 8.87 -2.21 -14.74
N ALA A 40 8.45 -3.07 -13.81
CA ALA A 40 7.34 -3.96 -14.03
C ALA A 40 6.06 -3.17 -13.77
N PRO A 41 4.98 -3.52 -14.48
CA PRO A 41 3.70 -2.82 -14.27
C PRO A 41 3.30 -2.77 -12.81
N GLY A 42 2.89 -1.59 -12.33
CA GLY A 42 2.45 -1.42 -10.96
C GLY A 42 3.54 -1.40 -9.91
N LYS A 43 4.81 -1.51 -10.32
CA LYS A 43 5.92 -1.54 -9.38
C LYS A 43 6.86 -0.35 -9.51
N ALA A 44 7.82 -0.25 -8.59
CA ALA A 44 8.79 0.83 -8.64
C ALA A 44 9.86 0.52 -9.69
N LEU A 45 10.57 1.55 -10.12
CA LEU A 45 11.80 1.33 -10.86
C LEU A 45 12.71 0.44 -10.02
N GLU A 46 13.46 -0.41 -10.72
CA GLU A 46 14.37 -1.35 -10.10
C GLU A 46 15.69 -1.42 -10.85
N TRP A 47 16.79 -1.18 -10.13
CA TRP A 47 18.11 -1.27 -10.68
C TRP A 47 18.46 -2.73 -10.95
N LEU A 48 19.05 -3.01 -12.11
CA LEU A 48 19.56 -4.35 -12.39
C LEU A 48 21.08 -4.39 -12.26
N GLY A 49 21.77 -3.56 -13.06
CA GLY A 49 23.20 -3.51 -12.95
C GLY A 49 23.83 -2.64 -14.01
N SER A 50 25.15 -2.52 -13.96
CA SER A 50 25.87 -1.73 -14.94
C SER A 50 27.24 -2.32 -15.22
N ILE A 51 27.82 -1.85 -16.32
CA ILE A 51 29.20 -2.14 -16.64
C ILE A 51 29.83 -0.85 -17.14
N ASP A 52 31.12 -0.66 -16.83
CA ASP A 52 31.79 0.57 -17.24
C ASP A 52 32.95 0.28 -18.20
N THR A 53 33.66 1.33 -18.58
CA THR A 53 34.77 1.23 -19.52
C THR A 53 35.79 0.22 -19.04
N GLY A 54 36.11 0.24 -17.75
CA GLY A 54 37.07 -0.70 -17.21
C GLY A 54 36.60 -2.14 -17.12
N GLY A 55 35.34 -2.41 -17.48
CA GLY A 55 34.77 -3.74 -17.41
C GLY A 55 34.24 -4.11 -16.03
N ASN A 56 34.20 -3.12 -15.15
CA ASN A 56 33.72 -3.35 -13.80
C ASN A 56 32.21 -3.42 -13.80
N THR A 57 31.66 -4.49 -13.21
CA THR A 57 30.22 -4.65 -13.14
C THR A 57 29.72 -4.49 -11.71
N GLY A 58 28.50 -4.00 -11.57
CA GLY A 58 27.84 -3.98 -10.29
C GLY A 58 26.40 -4.39 -10.49
N TYR A 59 25.82 -5.03 -9.49
CA TYR A 59 24.47 -5.54 -9.61
C TYR A 59 23.63 -5.22 -8.39
N ASN A 60 22.32 -5.10 -8.61
CA ASN A 60 21.34 -5.23 -7.57
C ASN A 60 21.65 -6.52 -6.78
N PRO A 61 22.01 -6.39 -5.49
CA PRO A 61 22.44 -7.55 -4.69
C PRO A 61 21.38 -8.65 -4.65
N GLY A 62 20.12 -8.25 -4.55
CA GLY A 62 19.03 -9.20 -4.46
C GLY A 62 18.83 -10.01 -5.73
N LEU A 63 19.27 -9.46 -6.86
CA LEU A 63 19.02 -10.07 -8.17
C LEU A 63 20.28 -10.63 -8.81
N LYS A 64 21.43 -10.32 -8.21
CA LYS A 64 22.74 -10.60 -8.81
C LYS A 64 22.87 -12.04 -9.31
N SER A 65 22.40 -13.00 -8.54
CA SER A 65 22.56 -14.42 -8.90
C SER A 65 21.87 -14.76 -10.23
N ARG A 66 20.90 -13.94 -10.64
CA ARG A 66 20.16 -14.20 -11.87
C ARG A 66 20.64 -13.36 -13.05
N LEU A 67 21.57 -12.45 -12.77
CA LEU A 67 21.96 -11.46 -13.76
C LEU A 67 23.40 -11.63 -14.25
N SER A 68 23.59 -11.28 -15.51
CA SER A 68 24.89 -11.23 -16.11
C SER A 68 24.89 -10.08 -17.08
N ILE A 69 25.80 -9.14 -16.87
CA ILE A 69 25.98 -8.02 -17.77
C ILE A 69 27.37 -8.08 -18.36
N THR A 70 27.47 -8.04 -19.69
CA THR A 70 28.76 -8.08 -20.37
C THR A 70 28.78 -7.02 -21.46
N LYS A 71 29.94 -6.81 -22.07
CA LYS A 71 30.05 -5.90 -23.19
C LYS A 71 30.90 -6.47 -24.31
N ASP A 72 30.66 -5.98 -25.51
CA ASP A 72 31.44 -6.36 -26.67
C ASP A 72 31.84 -5.11 -27.41
N ASN A 73 33.09 -4.68 -27.19
CA ASN A 73 33.58 -3.44 -27.80
C ASN A 73 33.43 -3.42 -29.32
N SER A 74 33.64 -4.56 -29.97
CA SER A 74 33.59 -4.61 -31.43
C SER A 74 32.20 -4.30 -31.99
N LYS A 75 31.16 -4.53 -31.19
CA LYS A 75 29.79 -4.27 -31.62
C LYS A 75 29.18 -3.04 -30.94
N SER A 76 29.96 -2.37 -30.09
CA SER A 76 29.46 -1.25 -29.28
C SER A 76 28.22 -1.64 -28.48
N GLN A 77 28.22 -2.86 -27.95
N GLN A 77 28.21 -2.85 -27.93
CA GLN A 77 27.03 -3.38 -27.29
CA GLN A 77 27.03 -3.40 -27.30
C GLN A 77 27.28 -3.79 -25.85
C GLN A 77 27.27 -3.82 -25.86
N VAL A 78 26.27 -3.57 -25.02
CA VAL A 78 26.25 -4.07 -23.66
C VAL A 78 25.10 -5.06 -23.61
N SER A 79 25.35 -6.22 -23.01
CA SER A 79 24.34 -7.26 -22.94
C SER A 79 23.88 -7.48 -21.52
N LEU A 80 22.60 -7.77 -21.38
CA LEU A 80 22.02 -8.18 -20.12
C LEU A 80 21.36 -9.52 -20.30
N SER A 81 21.57 -10.39 -19.31
N SER A 81 21.57 -10.41 -19.33
CA SER A 81 20.92 -11.68 -19.25
CA SER A 81 20.85 -11.67 -19.29
C SER A 81 20.20 -11.81 -17.91
C SER A 81 20.21 -11.84 -17.93
N VAL A 82 18.95 -12.27 -17.95
CA VAL A 82 18.20 -12.57 -16.74
C VAL A 82 17.76 -14.03 -16.86
N SER A 83 18.24 -14.87 -15.96
CA SER A 83 18.03 -16.30 -16.08
C SER A 83 16.76 -16.76 -15.37
N SER A 84 16.20 -17.86 -15.87
CA SER A 84 15.03 -18.50 -15.26
C SER A 84 13.88 -17.54 -15.00
N VAL A 85 13.42 -16.86 -16.05
CA VAL A 85 12.45 -15.81 -15.85
C VAL A 85 11.10 -16.36 -15.47
N THR A 86 10.36 -15.58 -14.67
CA THR A 86 8.96 -15.84 -14.40
C THR A 86 8.19 -14.60 -14.85
N THR A 87 6.86 -14.62 -14.71
CA THR A 87 6.05 -13.45 -15.05
C THR A 87 6.40 -12.21 -14.20
N GLU A 88 7.11 -12.42 -13.09
CA GLU A 88 7.56 -11.32 -12.27
C GLU A 88 8.63 -10.51 -13.00
N ASP A 89 9.21 -11.10 -14.03
CA ASP A 89 10.23 -10.43 -14.82
C ASP A 89 9.66 -9.68 -16.03
N SER A 90 8.35 -9.77 -16.24
CA SER A 90 7.70 -8.92 -17.24
C SER A 90 7.85 -7.47 -16.82
N ALA A 91 8.39 -6.66 -17.72
CA ALA A 91 8.70 -5.28 -17.40
C ALA A 91 9.15 -4.56 -18.62
N THR A 92 9.17 -3.24 -18.52
CA THR A 92 9.95 -2.45 -19.44
C THR A 92 11.38 -2.37 -18.97
N TYR A 93 12.29 -2.76 -19.85
CA TYR A 93 13.72 -2.78 -19.56
C TYR A 93 14.36 -1.58 -20.23
N TYR A 94 15.00 -0.74 -19.43
CA TYR A 94 15.66 0.46 -19.92
C TYR A 94 17.17 0.35 -19.83
N CYS A 95 17.83 0.56 -20.97
N CYS A 95 17.86 0.57 -20.95
CA CYS A 95 19.24 0.82 -21.00
CA CYS A 95 19.30 0.76 -20.91
C CYS A 95 19.43 2.26 -20.54
C CYS A 95 19.60 2.24 -20.74
N THR A 96 20.53 2.54 -19.84
CA THR A 96 20.75 3.88 -19.31
C THR A 96 22.23 4.23 -19.28
N SER A 97 22.50 5.52 -19.37
CA SER A 97 23.85 6.04 -19.18
C SER A 97 23.93 6.54 -17.76
N VAL A 98 24.89 6.04 -16.98
CA VAL A 98 24.85 6.20 -15.55
C VAL A 98 26.11 6.87 -15.02
N HIS A 99 25.91 7.90 -14.20
CA HIS A 99 26.98 8.48 -13.40
C HIS A 99 27.27 7.58 -12.21
N GLN A 100 28.53 7.20 -12.03
CA GLN A 100 28.95 6.36 -10.92
C GLN A 100 30.29 6.86 -10.40
N GLU A 101 30.33 7.34 -9.16
CA GLU A 101 31.59 7.80 -8.58
C GLU A 101 31.60 7.47 -7.10
N THR A 102 32.81 7.27 -6.57
CA THR A 102 33.00 6.97 -5.16
C THR A 102 34.03 7.95 -4.60
N LYS A 103 33.69 8.55 -3.47
CA LYS A 103 34.57 9.49 -2.79
C LYS A 103 34.83 8.95 -1.39
N LYS A 104 36.11 8.80 -1.07
CA LYS A 104 36.54 8.19 0.19
C LYS A 104 37.07 9.26 1.12
N TYR A 105 36.73 9.15 2.40
CA TYR A 105 37.17 10.11 3.41
C TYR A 105 37.75 9.37 4.61
N GLN A 106 38.69 10.02 5.29
CA GLN A 106 39.21 9.52 6.55
C GLN A 106 39.06 10.62 7.61
N SER A 107 38.62 10.23 8.80
CA SER A 107 38.52 11.18 9.90
C SER A 107 38.86 10.48 11.21
N CYS A 108 39.15 11.26 12.25
CA CYS A 108 39.38 10.69 13.57
C CYS A 108 38.08 10.74 14.35
N PRO A 109 37.68 9.61 14.96
CA PRO A 109 36.40 9.59 15.68
C PRO A 109 36.41 10.53 16.89
N ASP A 110 35.23 10.76 17.47
CA ASP A 110 35.07 11.65 18.63
C ASP A 110 35.95 11.16 19.80
N GLY A 111 36.56 12.10 20.53
CA GLY A 111 37.44 11.75 21.63
C GLY A 111 38.88 11.48 21.19
N TYR A 112 39.13 11.60 19.89
CA TYR A 112 40.45 11.40 19.33
C TYR A 112 40.82 12.54 18.39
N ARG A 113 42.11 12.69 18.13
CA ARG A 113 42.62 13.82 17.36
C ARG A 113 43.68 13.32 16.39
N GLU A 114 43.60 13.78 15.15
CA GLU A 114 44.60 13.43 14.14
C GLU A 114 46.01 13.66 14.68
N ARG A 115 46.89 12.68 14.53
CA ARG A 115 48.19 12.73 15.19
C ARG A 115 49.02 13.95 14.79
N SER A 116 48.88 14.38 13.54
CA SER A 116 49.62 15.54 13.04
C SER A 116 49.20 16.85 13.73
N ASP A 117 48.00 16.87 14.32
CA ASP A 117 47.47 18.04 15.03
C ASP A 117 47.92 18.08 16.48
N CYS A 118 48.49 16.98 16.97
CA CYS A 118 49.08 16.98 18.29
C CYS A 118 50.37 17.78 18.22
N SER A 119 50.86 18.22 19.37
N SER A 119 50.86 18.22 19.37
CA SER A 119 52.11 18.98 19.42
CA SER A 119 52.11 18.97 19.40
C SER A 119 53.31 18.05 19.52
C SER A 119 53.30 18.03 19.51
N ASN A 120 53.66 17.66 20.73
CA ASN A 120 54.83 16.83 20.98
C ASN A 120 54.79 15.49 20.26
N ARG A 121 55.97 15.06 19.81
CA ARG A 121 56.14 13.77 19.14
C ARG A 121 57.10 12.89 19.94
N PRO A 122 56.93 11.56 19.87
CA PRO A 122 55.87 10.84 19.14
C PRO A 122 54.56 10.86 19.91
N ALA A 123 53.53 11.50 19.34
CA ALA A 123 52.30 11.81 20.06
C ALA A 123 51.53 10.58 20.59
N CYS A 124 51.50 9.51 19.80
CA CYS A 124 50.85 8.27 20.22
C CYS A 124 51.36 7.14 19.33
N GLY A 125 52.66 6.88 19.45
CA GLY A 125 53.33 5.99 18.52
C GLY A 125 53.20 6.59 17.13
N THR A 126 52.92 5.73 16.15
CA THR A 126 52.72 6.20 14.78
C THR A 126 51.26 6.02 14.37
N SER A 127 50.38 5.79 15.34
CA SER A 127 48.96 5.58 15.07
C SER A 127 48.33 6.82 14.41
N ASP A 128 47.15 6.64 13.83
CA ASP A 128 46.48 7.73 13.10
C ASP A 128 45.91 8.81 14.04
N CYS A 129 45.25 8.36 15.11
CA CYS A 129 44.45 9.24 15.96
C CYS A 129 44.80 9.04 17.44
N CYS A 130 45.33 10.09 18.06
CA CYS A 130 45.68 10.04 19.48
C CYS A 130 44.45 10.32 20.34
N ARG A 131 44.38 9.67 21.50
CA ARG A 131 43.31 9.95 22.45
C ARG A 131 43.41 11.36 23.02
N VAL A 132 42.27 12.01 23.20
CA VAL A 132 42.22 13.34 23.80
C VAL A 132 41.85 13.23 25.28
N SER A 133 42.61 13.91 26.12
CA SER A 133 42.36 13.91 27.56
C SER A 133 41.25 14.88 27.91
N VAL A 134 40.75 14.81 29.14
CA VAL A 134 39.69 15.70 29.59
C VAL A 134 40.13 17.16 29.45
N PHE A 135 41.39 17.43 29.74
CA PHE A 135 41.90 18.79 29.62
C PHE A 135 41.99 19.21 28.16
N GLY A 136 41.97 18.24 27.26
CA GLY A 136 41.90 18.52 25.83
C GLY A 136 43.23 18.44 25.11
N ASN A 137 44.19 17.76 25.71
CA ASN A 137 45.49 17.54 25.07
C ASN A 137 45.61 16.08 24.59
N CYS A 138 46.56 15.83 23.71
CA CYS A 138 46.81 14.47 23.24
C CYS A 138 47.37 13.57 24.34
N LEU A 139 46.99 12.30 24.28
CA LEU A 139 47.57 11.25 25.14
C LEU A 139 48.27 10.21 24.29
N THR A 140 49.28 9.55 24.85
CA THR A 140 50.06 8.58 24.10
C THR A 140 49.40 7.20 24.06
N THR A 141 48.47 6.95 24.98
CA THR A 141 47.95 5.61 25.17
C THR A 141 46.61 5.36 24.47
N LEU A 142 46.43 4.14 23.98
CA LEU A 142 45.17 3.69 23.39
C LEU A 142 44.71 4.58 22.22
N PRO A 143 45.61 4.82 21.24
CA PRO A 143 45.19 5.55 20.03
C PRO A 143 44.43 4.61 19.09
N VAL A 144 43.66 5.17 18.16
CA VAL A 144 42.94 4.36 17.19
C VAL A 144 43.37 4.72 15.77
N SER A 145 42.95 3.90 14.81
CA SER A 145 43.16 4.18 13.40
C SER A 145 42.03 5.06 12.87
N TYR A 146 42.22 5.62 11.68
CA TYR A 146 41.19 6.43 11.06
C TYR A 146 39.89 5.64 10.92
N SER A 147 38.77 6.34 11.05
CA SER A 147 37.50 5.83 10.55
C SER A 147 37.43 6.27 9.09
N TYR A 148 37.25 5.30 8.20
CA TYR A 148 37.14 5.56 6.77
C TYR A 148 35.68 5.51 6.36
N THR A 149 35.23 6.54 5.66
CA THR A 149 33.86 6.58 5.13
C THR A 149 33.87 6.84 3.62
N TYR A 150 32.91 6.25 2.92
CA TYR A 150 32.79 6.38 1.48
C TYR A 150 31.45 7.04 1.15
N ASN A 151 31.47 7.99 0.21
CA ASN A 151 30.23 8.54 -0.32
C ASN A 151 30.06 8.09 -1.78
N TYR A 152 28.96 7.40 -2.03
CA TYR A 152 28.68 6.82 -3.33
C TYR A 152 27.71 7.73 -4.10
N GLU A 153 28.03 7.97 -5.37
CA GLU A 153 27.21 8.79 -6.23
C GLU A 153 26.73 7.96 -7.40
N TRP A 154 25.43 7.99 -7.62
CA TRP A 154 24.83 7.31 -8.73
C TRP A 154 23.70 8.19 -9.22
N HIS A 155 23.59 8.32 -10.54
CA HIS A 155 22.38 8.83 -11.13
C HIS A 155 22.32 8.44 -12.59
N VAL A 156 21.11 8.40 -13.13
CA VAL A 156 20.92 8.15 -14.55
C VAL A 156 21.00 9.47 -15.27
N ASP A 157 21.95 9.54 -16.19
CA ASP A 157 22.17 10.74 -17.01
C ASP A 157 21.28 10.74 -18.25
N VAL A 158 21.18 9.58 -18.89
CA VAL A 158 20.37 9.41 -20.10
C VAL A 158 19.58 8.12 -20.01
N TRP A 159 18.28 8.22 -20.29
CA TRP A 159 17.41 7.04 -20.33
C TRP A 159 17.18 6.60 -21.76
N GLY A 160 17.38 5.31 -22.00
CA GLY A 160 16.85 4.68 -23.20
C GLY A 160 15.33 4.77 -23.24
N GLN A 161 14.75 4.45 -24.39
N GLN A 161 14.75 4.48 -24.39
CA GLN A 161 13.32 4.51 -24.58
CA GLN A 161 13.30 4.54 -24.53
C GLN A 161 12.61 3.29 -23.99
C GLN A 161 12.66 3.37 -23.79
N GLY A 162 13.39 2.28 -23.67
CA GLY A 162 12.89 1.09 -23.01
C GLY A 162 12.33 0.08 -23.97
N LEU A 163 12.37 -1.18 -23.55
N LEU A 163 12.42 -1.18 -23.56
CA LEU A 163 11.85 -2.29 -24.33
CA LEU A 163 11.85 -2.29 -24.29
C LEU A 163 10.98 -3.18 -23.44
C LEU A 163 10.95 -3.06 -23.34
N LEU A 164 9.70 -3.23 -23.76
CA LEU A 164 8.76 -4.03 -23.00
C LEU A 164 8.99 -5.49 -23.29
N VAL A 165 9.21 -6.26 -22.23
CA VAL A 165 9.38 -7.70 -22.35
C VAL A 165 8.29 -8.33 -21.50
N THR A 166 7.54 -9.22 -22.15
N THR A 166 7.51 -9.22 -22.14
CA THR A 166 6.54 -10.01 -21.47
CA THR A 166 6.50 -9.99 -21.43
C THR A 166 6.99 -11.46 -21.35
C THR A 166 6.94 -11.45 -21.35
N VAL A 167 6.85 -12.00 -20.15
CA VAL A 167 7.14 -13.39 -19.90
C VAL A 167 5.81 -14.10 -19.86
N SER A 168 5.57 -14.97 -20.82
CA SER A 168 4.30 -15.67 -20.89
C SER A 168 4.49 -17.01 -21.54
N SER A 169 3.65 -17.98 -21.18
CA SER A 169 3.61 -19.26 -21.88
C SER A 169 2.84 -19.14 -23.20
N ALA A 170 2.08 -18.07 -23.37
CA ALA A 170 1.32 -17.89 -24.60
C ALA A 170 2.26 -17.74 -25.80
N SER A 171 1.97 -18.46 -26.87
CA SER A 171 2.80 -18.38 -28.06
C SER A 171 2.41 -17.19 -28.94
N THR A 172 3.31 -16.76 -29.81
CA THR A 172 3.02 -15.69 -30.76
C THR A 172 1.78 -16.06 -31.52
N THR A 173 0.81 -15.14 -31.57
CA THR A 173 -0.47 -15.39 -32.21
C THR A 173 -0.95 -14.16 -32.97
N ALA A 174 -1.33 -14.37 -34.23
CA ALA A 174 -1.86 -13.30 -35.06
C ALA A 174 -3.29 -12.93 -34.66
N PRO A 175 -3.64 -11.63 -34.74
CA PRO A 175 -5.00 -11.24 -34.39
C PRO A 175 -6.00 -11.58 -35.49
N LYS A 176 -7.26 -11.74 -35.11
CA LYS A 176 -8.34 -11.71 -36.07
C LYS A 176 -8.90 -10.30 -35.98
N VAL A 177 -9.11 -9.66 -37.12
CA VAL A 177 -9.60 -8.28 -37.16
C VAL A 177 -11.05 -8.25 -37.62
N TYR A 178 -11.92 -7.68 -36.80
CA TYR A 178 -13.34 -7.63 -37.11
C TYR A 178 -13.85 -6.19 -37.15
N PRO A 179 -14.75 -5.92 -38.10
CA PRO A 179 -15.33 -4.57 -38.16
C PRO A 179 -16.45 -4.44 -37.14
N LEU A 180 -16.52 -3.29 -36.47
CA LEU A 180 -17.56 -3.03 -35.50
C LEU A 180 -18.51 -1.96 -36.00
N SER A 181 -19.81 -2.23 -35.87
CA SER A 181 -20.82 -1.24 -36.19
C SER A 181 -21.95 -1.31 -35.18
N SER A 182 -22.55 -0.15 -34.95
CA SER A 182 -23.64 -0.04 -34.00
C SER A 182 -24.85 -0.81 -34.51
N CYS A 183 -25.81 -1.01 -33.62
CA CYS A 183 -27.02 -1.76 -33.95
C CYS A 183 -28.01 -0.90 -34.74
N SER A 190 -26.96 11.93 -37.19
CA SER A 190 -26.02 12.97 -37.62
C SER A 190 -24.57 12.56 -37.37
N THR A 191 -24.39 11.49 -36.58
CA THR A 191 -23.06 10.99 -36.26
C THR A 191 -23.06 9.45 -36.31
N VAL A 192 -22.12 8.90 -37.06
CA VAL A 192 -21.95 7.44 -37.11
C VAL A 192 -20.64 7.04 -36.42
N THR A 193 -20.72 5.96 -35.65
CA THR A 193 -19.57 5.44 -34.93
C THR A 193 -19.22 4.06 -35.49
N LEU A 194 -17.98 3.92 -35.92
CA LEU A 194 -17.49 2.68 -36.51
C LEU A 194 -16.33 2.21 -35.66
N GLY A 195 -16.02 0.93 -35.74
CA GLY A 195 -14.88 0.41 -35.02
C GLY A 195 -14.24 -0.81 -35.62
N CYS A 196 -13.21 -1.27 -34.92
N CYS A 196 -13.13 -1.21 -35.04
CA CYS A 196 -12.31 -2.32 -35.36
CA CYS A 196 -12.49 -2.45 -35.37
C CYS A 196 -11.89 -3.12 -34.13
C CYS A 196 -12.03 -3.10 -34.10
N LEU A 197 -12.30 -4.38 -34.02
CA LEU A 197 -11.81 -5.24 -32.95
C LEU A 197 -10.61 -6.04 -33.45
N VAL A 198 -9.50 -5.88 -32.75
CA VAL A 198 -8.28 -6.62 -33.00
C VAL A 198 -8.20 -7.69 -31.93
N SER A 199 -8.59 -8.91 -32.29
CA SER A 199 -8.89 -9.92 -31.30
C SER A 199 -7.80 -10.96 -31.14
N SER A 200 -7.39 -11.20 -29.89
CA SER A 200 -6.66 -12.40 -29.50
C SER A 200 -5.30 -12.54 -30.16
N TYR A 201 -4.38 -11.65 -29.81
CA TYR A 201 -3.05 -11.66 -30.37
C TYR A 201 -2.03 -11.71 -29.26
N MET A 202 -0.80 -12.01 -29.64
CA MET A 202 0.33 -12.09 -28.73
C MET A 202 1.60 -12.03 -29.53
N PRO A 203 2.60 -11.26 -29.08
CA PRO A 203 2.61 -10.28 -27.98
C PRO A 203 2.13 -8.91 -28.43
N GLU A 204 2.11 -7.95 -27.51
CA GLU A 204 1.98 -6.56 -27.89
C GLU A 204 3.23 -6.14 -28.67
N PRO A 205 3.12 -5.07 -29.48
CA PRO A 205 1.95 -4.22 -29.71
C PRO A 205 1.31 -4.47 -31.05
N VAL A 206 0.16 -3.86 -31.27
CA VAL A 206 -0.40 -3.73 -32.61
C VAL A 206 -0.51 -2.25 -32.93
N THR A 207 -0.52 -1.95 -34.22
CA THR A 207 -0.82 -0.58 -34.66
C THR A 207 -2.14 -0.54 -35.41
N VAL A 208 -2.90 0.54 -35.20
CA VAL A 208 -4.18 0.72 -35.84
C VAL A 208 -4.23 2.15 -36.36
N THR A 209 -4.53 2.29 -37.64
CA THR A 209 -4.85 3.60 -38.21
C THR A 209 -6.14 3.43 -39.01
N TRP A 210 -6.73 4.55 -39.46
CA TRP A 210 -7.94 4.50 -40.27
C TRP A 210 -7.70 5.15 -41.64
N ASN A 211 -8.28 4.56 -42.68
CA ASN A 211 -8.16 5.10 -44.02
C ASN A 211 -6.72 5.34 -44.38
N SER A 212 -5.89 4.32 -44.13
CA SER A 212 -4.48 4.36 -44.49
C SER A 212 -3.77 5.57 -43.90
N GLY A 213 -4.28 6.06 -42.77
CA GLY A 213 -3.66 7.17 -42.06
C GLY A 213 -4.35 8.50 -42.29
N ALA A 214 -5.25 8.55 -43.26
CA ALA A 214 -5.91 9.80 -43.65
C ALA A 214 -6.90 10.29 -42.61
N LEU A 215 -7.48 9.35 -41.88
CA LEU A 215 -8.51 9.69 -40.90
C LEU A 215 -7.94 9.64 -39.49
N LYS A 216 -7.73 10.80 -38.89
CA LYS A 216 -7.11 10.88 -37.58
C LYS A 216 -8.05 11.51 -36.56
N SER A 217 -8.85 12.47 -37.01
CA SER A 217 -9.76 13.18 -36.13
C SER A 217 -10.93 12.28 -35.71
N GLY A 218 -11.24 12.25 -34.42
CA GLY A 218 -12.34 11.46 -33.92
C GLY A 218 -11.99 9.99 -33.69
N VAL A 219 -10.72 9.65 -33.90
CA VAL A 219 -10.26 8.27 -33.69
C VAL A 219 -9.85 8.05 -32.23
N HIS A 220 -10.37 6.97 -31.64
CA HIS A 220 -9.98 6.57 -30.29
C HIS A 220 -9.58 5.10 -30.28
N THR A 221 -8.29 4.83 -30.13
CA THR A 221 -7.77 3.46 -30.03
C THR A 221 -7.46 3.17 -28.56
N PHE A 222 -8.05 2.10 -28.04
CA PHE A 222 -8.02 1.82 -26.62
C PHE A 222 -6.89 0.87 -26.28
N PRO A 223 -6.28 1.04 -25.10
CA PRO A 223 -5.32 0.03 -24.66
C PRO A 223 -5.94 -1.36 -24.56
N ALA A 224 -5.10 -2.36 -24.73
CA ALA A 224 -5.54 -3.73 -24.82
C ALA A 224 -5.93 -4.30 -23.47
N VAL A 225 -6.86 -5.23 -23.54
CA VAL A 225 -7.21 -6.08 -22.42
C VAL A 225 -6.46 -7.41 -22.58
N LEU A 226 -6.13 -8.02 -21.45
CA LEU A 226 -5.56 -9.36 -21.45
C LEU A 226 -6.64 -10.34 -21.02
N GLN A 227 -6.95 -11.28 -21.91
N GLN A 227 -7.02 -11.25 -21.91
CA GLN A 227 -8.01 -12.25 -21.69
CA GLN A 227 -8.09 -12.18 -21.59
C GLN A 227 -7.53 -13.40 -20.83
C GLN A 227 -7.55 -13.44 -20.93
N SER A 228 -8.47 -14.23 -20.39
CA SER A 228 -8.12 -15.41 -19.58
C SER A 228 -7.41 -16.45 -20.43
N SER A 229 -7.60 -16.37 -21.74
CA SER A 229 -6.89 -17.22 -22.68
C SER A 229 -5.39 -16.91 -22.67
N GLY A 230 -5.02 -15.74 -22.16
CA GLY A 230 -3.64 -15.31 -22.15
C GLY A 230 -3.29 -14.46 -23.36
N LEU A 231 -4.29 -14.12 -24.16
CA LEU A 231 -4.10 -13.31 -25.37
C LEU A 231 -4.73 -11.93 -25.20
N TYR A 232 -4.18 -10.95 -25.91
CA TYR A 232 -4.66 -9.60 -25.90
C TYR A 232 -5.73 -9.37 -26.93
N SER A 233 -6.61 -8.41 -26.62
CA SER A 233 -7.53 -7.80 -27.60
C SER A 233 -7.56 -6.30 -27.38
N LEU A 234 -7.64 -5.54 -28.46
CA LEU A 234 -7.94 -4.12 -28.35
C LEU A 234 -8.92 -3.68 -29.42
N SER A 235 -9.51 -2.50 -29.22
CA SER A 235 -10.45 -1.94 -30.15
C SER A 235 -10.09 -0.52 -30.49
N SER A 236 -10.51 -0.11 -31.67
CA SER A 236 -10.42 1.28 -32.08
C SER A 236 -11.76 1.69 -32.62
N MET A 237 -12.14 2.92 -32.36
CA MET A 237 -13.41 3.41 -32.87
C MET A 237 -13.20 4.80 -33.42
N VAL A 238 -14.07 5.19 -34.33
CA VAL A 238 -13.99 6.52 -34.87
C VAL A 238 -15.41 7.00 -35.06
N THR A 239 -15.61 8.29 -34.76
CA THR A 239 -16.88 8.93 -34.95
C THR A 239 -16.72 9.90 -36.12
N VAL A 240 -17.59 9.77 -37.10
CA VAL A 240 -17.56 10.67 -38.24
C VAL A 240 -18.94 11.26 -38.51
N PRO A 241 -18.99 12.43 -39.17
CA PRO A 241 -20.28 13.04 -39.53
C PRO A 241 -21.10 12.13 -40.43
N GLY A 242 -22.41 12.05 -40.15
CA GLY A 242 -23.33 11.24 -40.93
C GLY A 242 -23.34 11.67 -42.38
N SER A 243 -22.86 12.89 -42.62
CA SER A 243 -22.69 13.40 -43.97
C SER A 243 -21.76 12.50 -44.82
N THR A 244 -20.78 11.89 -44.17
CA THR A 244 -19.75 11.12 -44.89
C THR A 244 -20.07 9.63 -44.96
N SER A 245 -21.29 9.26 -44.61
CA SER A 245 -21.67 7.85 -44.52
C SER A 245 -21.53 7.10 -45.86
N GLY A 246 -21.56 7.84 -46.97
CA GLY A 246 -21.42 7.26 -48.28
C GLY A 246 -19.98 6.87 -48.61
N GLN A 247 -19.05 7.29 -47.78
CA GLN A 247 -17.64 6.99 -47.97
C GLN A 247 -17.28 5.55 -47.57
N THR A 248 -16.10 5.12 -48.00
CA THR A 248 -15.59 3.81 -47.66
C THR A 248 -14.61 4.04 -46.54
N PHE A 249 -14.71 3.23 -45.47
CA PHE A 249 -13.80 3.33 -44.33
C PHE A 249 -13.02 2.03 -44.13
N THR A 250 -11.76 2.15 -43.76
CA THR A 250 -10.93 0.98 -43.49
C THR A 250 -10.11 1.17 -42.23
N CYS A 251 -9.97 0.07 -41.50
N CYS A 251 -10.02 0.14 -41.41
CA CYS A 251 -9.13 -0.04 -40.31
CA CYS A 251 -9.05 0.17 -40.32
C CYS A 251 -7.83 -0.78 -40.64
C CYS A 251 -7.87 -0.67 -40.73
N ASN A 252 -6.70 -0.08 -40.55
CA ASN A 252 -5.43 -0.68 -40.93
C ASN A 252 -4.74 -1.22 -39.68
N VAL A 253 -4.59 -2.54 -39.62
CA VAL A 253 -4.08 -3.19 -38.44
C VAL A 253 -2.79 -3.87 -38.80
N ALA A 254 -1.77 -3.66 -37.99
CA ALA A 254 -0.52 -4.35 -38.17
C ALA A 254 -0.09 -4.96 -36.84
N HIS A 255 0.37 -6.20 -36.93
CA HIS A 255 0.90 -6.90 -35.80
C HIS A 255 2.22 -7.48 -36.29
N PRO A 256 3.30 -6.69 -36.17
CA PRO A 256 4.63 -7.09 -36.64
C PRO A 256 5.11 -8.44 -36.13
N ALA A 257 4.77 -8.80 -34.91
CA ALA A 257 5.27 -10.04 -34.32
C ALA A 257 4.80 -11.27 -35.09
N SER A 258 3.60 -11.22 -35.67
CA SER A 258 3.06 -12.37 -36.38
C SER A 258 3.03 -12.12 -37.88
N SER A 259 3.74 -11.09 -38.32
CA SER A 259 3.73 -10.66 -39.70
C SER A 259 2.31 -10.51 -40.24
N THR A 260 1.43 -9.92 -39.43
CA THR A 260 0.06 -9.70 -39.84
C THR A 260 -0.14 -8.25 -40.25
N LYS A 261 -0.74 -8.08 -41.42
CA LYS A 261 -1.10 -6.76 -41.94
C LYS A 261 -2.41 -6.86 -42.67
N VAL A 262 -3.43 -6.21 -42.11
CA VAL A 262 -4.79 -6.30 -42.61
C VAL A 262 -5.36 -4.89 -42.72
N ASP A 263 -6.05 -4.64 -43.82
CA ASP A 263 -6.82 -3.41 -43.98
C ASP A 263 -8.28 -3.84 -44.07
N LYS A 264 -9.01 -3.62 -43.00
CA LYS A 264 -10.35 -4.15 -42.88
C LYS A 264 -11.39 -3.09 -43.22
N ALA A 265 -12.26 -3.41 -44.17
CA ALA A 265 -13.34 -2.51 -44.54
C ALA A 265 -14.39 -2.54 -43.44
N VAL A 266 -14.87 -1.36 -43.03
CA VAL A 266 -15.85 -1.25 -41.97
C VAL A 266 -17.03 -0.45 -42.51
N GLU A 267 -18.22 -1.05 -42.43
CA GLU A 267 -19.45 -0.46 -42.96
C GLU A 267 -20.53 -0.37 -41.89
N PRO A 268 -21.25 0.77 -41.83
CA PRO A 268 -22.50 0.79 -41.04
C PRO A 268 -23.41 -0.36 -41.44
N LYS A 269 -24.07 -0.98 -40.47
CA LYS A 269 -24.93 -2.14 -40.73
C LYS A 269 -26.11 -1.81 -41.63
N ALA B 2 17.38 -2.25 -0.02
CA ALA B 2 16.50 -1.29 0.63
C ALA B 2 15.52 -0.64 -0.36
N VAL B 3 14.45 -0.05 0.17
CA VAL B 3 13.52 0.76 -0.62
C VAL B 3 13.30 2.08 0.15
N LEU B 4 13.48 3.21 -0.53
CA LEU B 4 13.33 4.50 0.14
C LEU B 4 11.85 4.81 0.38
N ASN B 5 11.57 5.40 1.54
CA ASN B 5 10.19 5.67 1.93
C ASN B 5 9.68 6.99 1.38
N GLN B 6 8.72 6.90 0.47
CA GLN B 6 8.05 8.07 -0.11
C GLN B 6 6.56 8.00 0.20
N PRO B 7 5.89 9.16 0.27
CA PRO B 7 4.43 9.05 0.42
C PRO B 7 3.82 8.53 -0.87
N SER B 8 2.84 7.63 -0.76
N SER B 8 2.85 7.62 -0.75
N SER B 8 2.83 7.65 -0.74
CA SER B 8 2.25 6.98 -1.92
CA SER B 8 2.24 7.01 -1.93
CA SER B 8 2.19 7.04 -1.90
C SER B 8 1.66 8.03 -2.86
C SER B 8 1.60 8.05 -2.82
C SER B 8 1.38 8.06 -2.70
N SER B 9 1.11 9.09 -2.28
N SER B 9 1.04 9.09 -2.21
CA SER B 9 0.44 10.12 -3.05
CA SER B 9 0.27 10.09 -2.94
C SER B 9 0.69 11.49 -2.45
C SER B 9 0.47 11.48 -2.34
N VAL B 10 0.57 12.50 -3.31
N VAL B 10 0.59 12.47 -3.21
CA VAL B 10 0.65 13.89 -2.93
CA VAL B 10 0.55 13.87 -2.83
C VAL B 10 -0.25 14.67 -3.89
C VAL B 10 -0.31 14.62 -3.83
N SER B 11 -0.89 15.71 -3.36
N SER B 11 -0.94 15.70 -3.36
CA SER B 11 -1.78 16.55 -4.15
CA SER B 11 -1.78 16.52 -4.21
C SER B 11 -1.47 18.01 -3.93
C SER B 11 -1.53 18.00 -3.92
N GLY B 12 -1.82 18.83 -4.91
CA GLY B 12 -1.69 20.26 -4.77
C GLY B 12 -2.55 20.92 -5.82
N SER B 13 -2.85 22.19 -5.60
CA SER B 13 -3.56 22.98 -6.59
C SER B 13 -2.55 23.76 -7.42
N LEU B 14 -2.99 24.19 -8.59
CA LEU B 14 -2.16 24.94 -9.49
C LEU B 14 -1.54 26.16 -8.82
N GLY B 15 -0.26 26.37 -9.11
CA GLY B 15 0.47 27.52 -8.62
C GLY B 15 0.95 27.37 -7.18
N GLN B 16 0.54 26.29 -6.51
N GLN B 16 0.56 26.29 -6.52
CA GLN B 16 0.93 26.03 -5.13
CA GLN B 16 0.94 26.10 -5.12
C GLN B 16 2.33 25.44 -5.05
C GLN B 16 2.20 25.25 -4.98
N ARG B 17 2.86 25.38 -3.83
CA ARG B 17 4.09 24.67 -3.54
C ARG B 17 3.73 23.27 -3.06
N VAL B 18 4.38 22.27 -3.65
N VAL B 18 4.37 22.26 -3.62
CA VAL B 18 4.15 20.88 -3.28
CA VAL B 18 4.16 20.88 -3.16
C VAL B 18 5.50 20.24 -3.00
C VAL B 18 5.50 20.21 -2.94
N SER B 19 5.53 19.36 -2.02
N SER B 19 5.58 19.41 -1.88
CA SER B 19 6.75 18.68 -1.64
CA SER B 19 6.81 18.70 -1.55
C SER B 19 6.55 17.18 -1.49
C SER B 19 6.58 17.19 -1.42
N ILE B 20 7.59 16.44 -1.85
CA ILE B 20 7.58 14.99 -1.78
C ILE B 20 8.85 14.60 -0.99
N THR B 21 8.66 13.87 0.09
CA THR B 21 9.78 13.42 0.92
C THR B 21 10.26 12.04 0.49
N CYS B 22 11.50 11.74 0.86
CA CYS B 22 12.14 10.48 0.55
C CYS B 22 13.07 10.17 1.72
N SER B 23 12.63 9.28 2.59
N SER B 23 12.64 9.28 2.62
CA SER B 23 13.39 8.93 3.78
CA SER B 23 13.43 8.98 3.82
C SER B 23 14.13 7.61 3.57
C SER B 23 14.06 7.59 3.76
N GLY B 24 15.35 7.55 4.09
CA GLY B 24 16.11 6.32 4.05
C GLY B 24 17.01 6.19 5.26
N SER B 25 18.18 5.62 5.04
CA SER B 25 19.12 5.37 6.12
C SER B 25 20.40 6.12 5.83
N SER B 26 21.33 6.07 6.77
CA SER B 26 22.62 6.69 6.58
C SER B 26 23.38 6.02 5.44
N SER B 27 23.08 4.76 5.20
CA SER B 27 23.77 3.99 4.16
C SER B 27 23.27 4.27 2.74
N ASN B 28 22.12 4.92 2.60
CA ASN B 28 21.65 5.34 1.27
C ASN B 28 21.47 6.86 1.18
N VAL B 29 20.31 7.38 1.59
CA VAL B 29 20.08 8.83 1.50
C VAL B 29 21.13 9.64 2.26
N GLY B 30 21.45 9.22 3.49
CA GLY B 30 22.45 9.92 4.29
C GLY B 30 23.81 10.01 3.64
N ASN B 31 24.01 9.26 2.56
CA ASN B 31 25.24 9.30 1.79
C ASN B 31 25.36 10.58 0.95
N GLY B 32 24.27 11.32 0.81
CA GLY B 32 24.33 12.68 0.29
C GLY B 32 24.36 12.88 -1.21
N TYR B 33 23.82 11.94 -1.96
CA TYR B 33 23.73 12.09 -3.42
C TYR B 33 22.42 11.44 -3.91
N VAL B 34 21.33 12.15 -3.66
CA VAL B 34 19.99 11.69 -4.01
C VAL B 34 19.66 12.18 -5.39
N SER B 35 18.95 11.36 -6.16
CA SER B 35 18.47 11.78 -7.46
C SER B 35 16.96 11.57 -7.52
N TRP B 36 16.31 12.28 -8.42
CA TRP B 36 14.84 12.24 -8.58
C TRP B 36 14.50 12.10 -10.05
N TYR B 37 13.44 11.35 -10.31
CA TYR B 37 12.99 10.99 -11.66
C TYR B 37 11.50 11.21 -11.76
N GLN B 38 11.07 11.65 -12.93
CA GLN B 38 9.67 11.86 -13.22
C GLN B 38 9.24 10.85 -14.26
N LEU B 39 8.13 10.19 -13.98
CA LEU B 39 7.59 9.17 -14.85
C LEU B 39 6.15 9.51 -15.20
N ILE B 40 5.93 9.67 -16.49
CA ILE B 40 4.60 9.91 -17.04
C ILE B 40 4.29 8.75 -17.97
N PRO B 41 3.10 8.13 -17.83
CA PRO B 41 2.74 6.99 -18.68
C PRO B 41 3.00 7.24 -20.16
N GLY B 42 3.55 6.23 -20.84
CA GLY B 42 3.84 6.33 -22.26
C GLY B 42 5.13 7.04 -22.58
N SER B 43 5.87 7.43 -21.54
CA SER B 43 7.17 8.08 -21.71
C SER B 43 8.23 7.40 -20.87
N ALA B 44 9.49 7.52 -21.30
CA ALA B 44 10.59 7.00 -20.51
C ALA B 44 10.74 7.90 -19.31
N PRO B 45 11.36 7.39 -18.25
CA PRO B 45 11.66 8.24 -17.10
C PRO B 45 12.52 9.45 -17.49
N ARG B 46 12.41 10.51 -16.71
CA ARG B 46 13.15 11.73 -16.95
C ARG B 46 13.86 12.11 -15.69
N THR B 47 15.16 12.34 -15.78
CA THR B 47 15.93 12.74 -14.62
C THR B 47 15.65 14.19 -14.29
N LEU B 48 15.30 14.46 -13.03
CA LEU B 48 15.04 15.83 -12.61
C LEU B 48 16.19 16.44 -11.83
N ILE B 49 16.66 15.70 -10.84
CA ILE B 49 17.61 16.19 -9.86
C ILE B 49 18.65 15.13 -9.66
N TYR B 50 19.89 15.57 -9.42
CA TYR B 50 20.93 14.67 -9.00
C TYR B 50 21.81 15.38 -7.99
N GLY B 51 22.54 14.58 -7.21
CA GLY B 51 23.42 15.14 -6.19
C GLY B 51 22.66 16.00 -5.20
N ASP B 52 21.49 15.53 -4.78
CA ASP B 52 20.61 16.24 -3.83
C ASP B 52 19.90 17.45 -4.41
N THR B 53 20.64 18.30 -5.14
CA THR B 53 20.18 19.65 -5.41
C THR B 53 20.39 20.13 -6.84
N SER B 54 21.17 19.40 -7.65
CA SER B 54 21.46 19.88 -9.01
C SER B 54 20.35 19.48 -9.99
N ARG B 55 19.80 20.47 -10.70
CA ARG B 55 18.78 20.23 -11.71
C ARG B 55 19.42 19.69 -12.97
N ALA B 56 18.83 18.65 -13.52
CA ALA B 56 19.29 18.15 -14.82
C ALA B 56 18.90 19.14 -15.92
N SER B 57 19.50 18.96 -17.09
CA SER B 57 19.23 19.85 -18.22
C SER B 57 17.77 19.85 -18.65
N GLY B 58 17.26 21.02 -19.01
CA GLY B 58 15.88 21.14 -19.47
C GLY B 58 14.85 21.13 -18.35
N VAL B 59 15.29 20.96 -17.11
CA VAL B 59 14.36 20.89 -16.00
C VAL B 59 14.01 22.29 -15.51
N PRO B 60 12.72 22.64 -15.50
CA PRO B 60 12.31 23.99 -15.07
C PRO B 60 12.76 24.35 -13.67
N ASP B 61 12.94 25.64 -13.41
CA ASP B 61 13.38 26.14 -12.10
C ASP B 61 12.41 25.85 -10.96
N ARG B 62 11.14 25.59 -11.28
CA ARG B 62 10.19 25.34 -10.22
C ARG B 62 10.48 24.02 -9.51
N PHE B 63 11.33 23.18 -10.09
CA PHE B 63 11.75 21.94 -9.45
C PHE B 63 13.02 22.19 -8.64
N SER B 64 13.04 21.78 -7.39
CA SER B 64 14.27 21.83 -6.60
C SER B 64 14.32 20.68 -5.60
N GLY B 65 15.53 20.25 -5.27
CA GLY B 65 15.71 19.19 -4.30
C GLY B 65 16.53 19.68 -3.12
N SER B 66 16.35 19.02 -1.99
CA SER B 66 17.15 19.30 -0.81
C SER B 66 17.28 18.02 -0.01
N ARG B 67 18.16 18.03 0.98
CA ARG B 67 18.31 16.90 1.85
C ARG B 67 18.66 17.38 3.24
N SER B 68 18.13 16.68 4.24
CA SER B 68 18.44 16.94 5.63
C SER B 68 18.67 15.58 6.27
N GLY B 69 19.93 15.23 6.46
CA GLY B 69 20.28 13.93 6.99
C GLY B 69 19.74 12.83 6.09
N ASN B 70 18.88 11.98 6.66
CA ASN B 70 18.40 10.80 5.96
C ASN B 70 17.08 11.01 5.23
N THR B 71 16.65 12.26 5.10
CA THR B 71 15.42 12.57 4.36
C THR B 71 15.70 13.60 3.27
N ALA B 72 15.36 13.23 2.04
CA ALA B 72 15.47 14.16 0.91
C ALA B 72 14.07 14.67 0.55
N THR B 73 14.02 15.84 -0.05
CA THR B 73 12.75 16.44 -0.47
C THR B 73 12.82 17.01 -1.86
N LEU B 74 11.80 16.71 -2.67
CA LEU B 74 11.65 17.32 -3.98
C LEU B 74 10.51 18.29 -3.83
N THR B 75 10.76 19.53 -4.25
CA THR B 75 9.79 20.59 -4.09
C THR B 75 9.49 21.14 -5.46
N ILE B 76 8.20 21.28 -5.73
CA ILE B 76 7.74 22.01 -6.88
C ILE B 76 7.13 23.29 -6.35
N SER B 77 7.69 24.43 -6.76
CA SER B 77 7.38 25.70 -6.10
C SER B 77 6.09 26.32 -6.62
N SER B 78 5.72 25.96 -7.84
CA SER B 78 4.52 26.49 -8.47
C SER B 78 3.88 25.41 -9.36
N LEU B 79 3.04 24.58 -8.77
CA LEU B 79 2.55 23.39 -9.44
C LEU B 79 1.83 23.71 -10.75
N GLN B 80 2.21 22.99 -11.81
CA GLN B 80 1.61 23.15 -13.13
C GLN B 80 0.91 21.87 -13.56
N ALA B 81 -0.10 21.99 -14.42
CA ALA B 81 -0.89 20.86 -14.88
C ALA B 81 -0.02 19.71 -15.38
N GLU B 82 1.02 20.02 -16.13
CA GLU B 82 1.87 18.96 -16.70
C GLU B 82 2.84 18.32 -15.70
N ASP B 83 2.77 18.72 -14.43
CA ASP B 83 3.57 18.09 -13.39
C ASP B 83 2.91 16.81 -12.82
N GLU B 84 1.69 16.52 -13.24
CA GLU B 84 1.04 15.29 -12.83
C GLU B 84 1.84 14.10 -13.35
N ALA B 85 2.27 13.25 -12.43
CA ALA B 85 3.23 12.18 -12.73
C ALA B 85 3.53 11.39 -11.49
N ASP B 86 4.33 10.34 -11.68
CA ASP B 86 4.93 9.61 -10.58
C ASP B 86 6.35 10.12 -10.40
N TYR B 87 6.76 10.28 -9.15
CA TYR B 87 8.10 10.75 -8.84
C TYR B 87 8.79 9.72 -7.98
N PHE B 88 10.03 9.42 -8.36
CA PHE B 88 10.84 8.43 -7.66
C PHE B 88 12.12 9.09 -7.24
N CYS B 89 12.48 8.94 -5.97
CA CYS B 89 13.84 9.25 -5.56
C CYS B 89 14.72 8.01 -5.71
N ALA B 90 16.03 8.24 -5.61
CA ALA B 90 16.98 7.16 -5.69
C ALA B 90 18.25 7.58 -5.00
N SER B 91 19.07 6.57 -4.69
CA SER B 91 20.35 6.78 -4.07
C SER B 91 21.22 5.55 -4.28
N ALA B 92 22.51 5.75 -4.40
CA ALA B 92 23.45 4.63 -4.32
C ALA B 92 23.40 4.04 -2.90
N GLU B 93 23.77 2.77 -2.78
CA GLU B 93 23.88 2.14 -1.47
C GLU B 93 25.02 1.12 -1.49
N ASP B 94 26.00 1.33 -0.61
CA ASP B 94 27.15 0.42 -0.42
C ASP B 94 28.13 0.41 -1.60
N SER B 95 27.75 1.03 -2.70
CA SER B 95 28.52 0.99 -3.93
C SER B 95 27.91 1.98 -4.93
N SER B 96 28.73 2.56 -5.78
CA SER B 96 28.25 3.51 -6.78
C SER B 96 27.51 2.82 -7.91
N SER B 97 27.59 1.50 -8.00
CA SER B 97 26.93 0.76 -9.08
C SER B 97 25.82 -0.07 -8.51
N ASN B 98 25.32 0.35 -7.35
CA ASN B 98 24.16 -0.26 -6.75
C ASN B 98 23.20 0.82 -6.28
N ALA B 99 22.05 0.88 -6.91
CA ALA B 99 21.10 1.96 -6.70
C ALA B 99 19.82 1.40 -6.13
N VAL B 100 19.27 2.09 -5.13
CA VAL B 100 17.97 1.77 -4.57
C VAL B 100 17.00 2.92 -4.86
N PHE B 101 15.78 2.56 -5.22
CA PHE B 101 14.76 3.54 -5.51
C PHE B 101 13.76 3.71 -4.40
N GLY B 102 13.10 4.85 -4.40
CA GLY B 102 11.95 5.06 -3.55
C GLY B 102 10.77 4.27 -4.05
N SER B 103 9.74 4.22 -3.21
CA SER B 103 8.55 3.42 -3.48
C SER B 103 7.67 4.17 -4.45
N GLY B 104 7.94 5.46 -4.60
CA GLY B 104 7.28 6.26 -5.63
C GLY B 104 6.10 7.03 -5.09
N THR B 105 5.90 8.21 -5.64
CA THR B 105 4.80 9.09 -5.24
C THR B 105 4.04 9.51 -6.47
N THR B 106 2.73 9.28 -6.44
CA THR B 106 1.82 9.80 -7.46
C THR B 106 1.36 11.20 -7.08
N LEU B 107 1.63 12.15 -7.96
N LEU B 107 1.70 12.16 -7.93
CA LEU B 107 1.30 13.54 -7.74
CA LEU B 107 1.26 13.52 -7.74
C LEU B 107 0.10 13.93 -8.58
C LEU B 107 0.02 13.69 -8.55
N THR B 108 -0.99 14.29 -7.92
CA THR B 108 -2.21 14.70 -8.59
C THR B 108 -2.31 16.21 -8.53
N VAL B 109 -2.62 16.83 -9.66
CA VAL B 109 -2.90 18.25 -9.65
C VAL B 109 -4.41 18.40 -9.51
N LEU B 110 -4.84 19.12 -8.48
CA LEU B 110 -6.25 19.31 -8.20
C LEU B 110 -6.94 20.22 -9.21
N GLY B 111 -8.27 20.19 -9.21
CA GLY B 111 -9.05 21.15 -9.97
C GLY B 111 -9.47 20.72 -11.36
N GLN B 112 -9.16 19.49 -11.75
CA GLN B 112 -9.61 19.01 -13.05
C GLN B 112 -11.13 18.80 -13.00
N PRO B 113 -11.87 19.34 -13.99
CA PRO B 113 -13.34 19.19 -13.94
C PRO B 113 -13.77 17.75 -14.02
N LYS B 114 -14.78 17.39 -13.25
CA LYS B 114 -15.34 16.05 -13.34
C LYS B 114 -16.08 15.91 -14.66
N SER B 115 -16.05 14.69 -15.20
CA SER B 115 -16.63 14.42 -16.50
C SER B 115 -17.16 13.00 -16.52
N PRO B 116 -18.43 12.82 -16.95
CA PRO B 116 -19.02 11.49 -16.98
C PRO B 116 -18.51 10.75 -18.18
N PRO B 117 -18.52 9.43 -18.10
CA PRO B 117 -18.06 8.66 -19.24
C PRO B 117 -19.04 8.64 -20.38
N SER B 118 -18.50 8.60 -21.58
N SER B 118 -18.51 8.67 -21.59
CA SER B 118 -19.22 8.29 -22.81
CA SER B 118 -19.26 8.26 -22.76
C SER B 118 -19.03 6.80 -23.13
C SER B 118 -19.08 6.76 -22.90
N VAL B 119 -20.14 6.09 -23.33
CA VAL B 119 -20.14 4.66 -23.50
C VAL B 119 -20.67 4.30 -24.88
N THR B 120 -19.90 3.50 -25.60
CA THR B 120 -20.36 2.87 -26.83
C THR B 120 -20.24 1.39 -26.65
N LEU B 121 -21.34 0.70 -26.92
CA LEU B 121 -21.35 -0.75 -26.86
C LEU B 121 -21.51 -1.31 -28.26
N PHE B 122 -20.54 -2.10 -28.69
CA PHE B 122 -20.59 -2.72 -29.99
C PHE B 122 -20.98 -4.17 -29.85
N PRO B 123 -21.92 -4.64 -30.68
CA PRO B 123 -22.27 -6.06 -30.71
C PRO B 123 -21.22 -6.86 -31.49
N PRO B 124 -21.30 -8.19 -31.41
CA PRO B 124 -20.42 -9.05 -32.22
C PRO B 124 -20.62 -8.76 -33.71
N SER B 125 -19.54 -8.84 -34.46
CA SER B 125 -19.63 -8.71 -35.90
C SER B 125 -20.12 -10.02 -36.50
N THR B 126 -20.71 -9.92 -37.67
CA THR B 126 -21.08 -11.09 -38.46
C THR B 126 -19.87 -12.00 -38.66
N GLU B 127 -18.73 -11.41 -39.01
CA GLU B 127 -17.58 -12.24 -39.31
C GLU B 127 -17.16 -13.05 -38.09
N GLU B 128 -17.23 -12.44 -36.90
CA GLU B 128 -16.82 -13.17 -35.69
C GLU B 128 -17.82 -14.27 -35.42
N LEU B 129 -19.10 -13.94 -35.54
CA LEU B 129 -20.16 -14.90 -35.31
C LEU B 129 -20.05 -16.08 -36.28
N ASN B 130 -19.58 -15.83 -37.50
CA ASN B 130 -19.37 -16.91 -38.46
C ASN B 130 -18.37 -17.92 -37.88
N GLY B 131 -17.54 -17.47 -36.95
CA GLY B 131 -16.57 -18.34 -36.28
C GLY B 131 -17.09 -18.89 -34.97
N ASN B 132 -18.39 -18.75 -34.74
CA ASN B 132 -19.04 -19.25 -33.52
C ASN B 132 -18.58 -18.58 -32.21
N LYS B 133 -17.97 -17.40 -32.34
CA LYS B 133 -17.59 -16.60 -31.17
C LYS B 133 -18.37 -15.29 -31.19
N ALA B 134 -18.55 -14.68 -30.03
CA ALA B 134 -19.21 -13.39 -29.95
C ALA B 134 -18.57 -12.57 -28.85
N THR B 135 -17.90 -11.50 -29.24
CA THR B 135 -17.34 -10.57 -28.28
C THR B 135 -18.17 -9.30 -28.30
N LEU B 136 -18.64 -8.88 -27.13
CA LEU B 136 -19.30 -7.58 -26.97
C LEU B 136 -18.27 -6.63 -26.40
N VAL B 137 -18.20 -5.43 -26.97
CA VAL B 137 -17.12 -4.50 -26.69
C VAL B 137 -17.73 -3.22 -26.15
N CYS B 138 -17.42 -2.93 -24.89
CA CYS B 138 -17.91 -1.74 -24.23
C CYS B 138 -16.79 -0.75 -24.05
N LEU B 139 -16.86 0.33 -24.82
CA LEU B 139 -15.81 1.33 -24.88
C LEU B 139 -16.23 2.57 -24.09
N ILE B 140 -15.36 2.97 -23.17
CA ILE B 140 -15.70 3.97 -22.16
C ILE B 140 -14.67 5.07 -22.21
N SER B 141 -15.10 6.29 -22.46
CA SER B 141 -14.16 7.38 -22.68
C SER B 141 -14.55 8.69 -21.99
N ASP B 142 -13.59 9.61 -21.95
CA ASP B 142 -13.81 10.98 -21.50
C ASP B 142 -14.30 11.12 -20.06
N PHE B 143 -13.93 10.20 -19.17
CA PHE B 143 -14.31 10.34 -17.76
C PHE B 143 -13.18 10.87 -16.87
N TYR B 144 -13.59 11.58 -15.83
CA TYR B 144 -12.67 12.07 -14.82
C TYR B 144 -13.46 12.30 -13.55
N PRO B 145 -12.95 11.85 -12.39
CA PRO B 145 -11.71 11.12 -12.11
C PRO B 145 -11.66 9.76 -12.79
N GLY B 146 -10.50 9.14 -12.73
CA GLY B 146 -10.18 8.01 -13.59
C GLY B 146 -10.48 6.67 -12.96
N SER B 147 -11.71 6.47 -12.50
CA SER B 147 -12.11 5.14 -12.06
C SER B 147 -13.58 4.94 -12.41
N VAL B 148 -13.88 3.80 -13.01
CA VAL B 148 -15.25 3.41 -13.25
C VAL B 148 -15.43 2.00 -12.73
N THR B 149 -16.67 1.60 -12.50
CA THR B 149 -16.99 0.19 -12.31
C THR B 149 -17.99 -0.19 -13.39
N VAL B 150 -17.82 -1.38 -13.92
CA VAL B 150 -18.62 -1.83 -15.03
C VAL B 150 -19.37 -3.06 -14.61
N VAL B 151 -20.65 -3.08 -14.95
CA VAL B 151 -21.50 -4.23 -14.71
C VAL B 151 -22.11 -4.64 -16.03
N TRP B 152 -22.05 -5.94 -16.32
CA TRP B 152 -22.67 -6.49 -17.50
C TRP B 152 -23.94 -7.22 -17.10
N LYS B 153 -24.97 -7.08 -17.93
CA LYS B 153 -26.21 -7.78 -17.67
C LYS B 153 -26.77 -8.40 -18.93
N ALA B 154 -27.58 -9.44 -18.72
CA ALA B 154 -28.30 -10.08 -19.79
C ALA B 154 -29.65 -10.48 -19.24
N ASP B 155 -30.72 -10.01 -19.89
CA ASP B 155 -32.08 -10.28 -19.42
C ASP B 155 -32.21 -10.06 -17.92
N GLY B 156 -31.57 -9.02 -17.41
CA GLY B 156 -31.70 -8.63 -16.02
C GLY B 156 -30.78 -9.33 -15.04
N SER B 157 -30.03 -10.31 -15.54
CA SER B 157 -29.09 -11.05 -14.71
C SER B 157 -27.68 -10.49 -14.88
N THR B 158 -26.98 -10.35 -13.77
CA THR B 158 -25.60 -9.93 -13.81
C THR B 158 -24.69 -11.04 -14.32
N ILE B 159 -23.76 -10.66 -15.19
N ILE B 159 -23.75 -10.67 -15.19
CA ILE B 159 -22.76 -11.57 -15.71
CA ILE B 159 -22.76 -11.58 -15.72
C ILE B 159 -21.43 -11.27 -15.05
C ILE B 159 -21.39 -11.27 -15.15
N THR B 160 -20.66 -12.31 -14.75
CA THR B 160 -19.30 -12.15 -14.21
C THR B 160 -18.30 -12.97 -15.02
N ARG B 161 -18.74 -14.15 -15.46
CA ARG B 161 -17.90 -15.05 -16.24
C ARG B 161 -17.58 -14.44 -17.59
N ASN B 162 -16.32 -14.58 -18.02
CA ASN B 162 -15.87 -14.15 -19.33
C ASN B 162 -15.97 -12.63 -19.55
N VAL B 163 -15.93 -11.87 -18.46
CA VAL B 163 -15.79 -10.42 -18.52
C VAL B 163 -14.35 -10.04 -18.16
N GLU B 164 -13.75 -9.16 -18.95
CA GLU B 164 -12.43 -8.62 -18.66
C GLU B 164 -12.49 -7.15 -18.95
N THR B 165 -12.09 -6.38 -17.96
CA THR B 165 -12.13 -4.93 -18.02
C THR B 165 -10.74 -4.39 -17.78
N THR B 166 -10.34 -3.43 -18.60
CA THR B 166 -9.03 -2.82 -18.45
C THR B 166 -9.03 -1.83 -17.29
N ARG B 167 -7.85 -1.50 -16.82
CA ARG B 167 -7.71 -0.37 -15.95
C ARG B 167 -8.00 0.89 -16.76
N ALA B 168 -8.21 1.98 -16.05
CA ALA B 168 -8.42 3.27 -16.68
C ALA B 168 -7.08 3.81 -17.11
N SER B 169 -7.01 4.37 -18.29
CA SER B 169 -5.75 4.92 -18.79
C SER B 169 -6.01 6.33 -19.25
N LYS B 170 -5.02 7.20 -19.04
CA LYS B 170 -5.15 8.60 -19.38
C LYS B 170 -5.13 8.77 -20.90
N GLN B 171 -6.09 9.55 -21.40
CA GLN B 171 -6.18 9.95 -22.80
C GLN B 171 -5.32 11.18 -23.03
N SER B 172 -5.14 11.57 -24.28
CA SER B 172 -4.35 12.75 -24.60
C SER B 172 -4.97 14.04 -24.06
N ASN B 173 -6.28 14.05 -23.82
CA ASN B 173 -6.97 15.23 -23.30
C ASN B 173 -7.05 15.29 -21.76
N SER B 174 -6.29 14.43 -21.11
CA SER B 174 -6.21 14.33 -19.64
C SER B 174 -7.40 13.62 -18.99
N LYS B 175 -8.44 13.30 -19.76
CA LYS B 175 -9.49 12.45 -19.23
C LYS B 175 -9.07 10.99 -19.40
N TYR B 176 -9.92 10.09 -18.95
CA TYR B 176 -9.60 8.68 -18.88
C TYR B 176 -10.48 7.85 -19.78
N ALA B 177 -9.92 6.72 -20.19
CA ALA B 177 -10.59 5.69 -20.99
C ALA B 177 -10.39 4.31 -20.36
N ALA B 178 -11.36 3.43 -20.62
CA ALA B 178 -11.28 2.03 -20.26
C ALA B 178 -12.13 1.23 -21.24
N SER B 179 -11.95 -0.07 -21.28
CA SER B 179 -12.83 -0.89 -22.07
C SER B 179 -13.12 -2.18 -21.36
N SER B 180 -14.26 -2.76 -21.69
CA SER B 180 -14.68 -4.00 -21.09
C SER B 180 -15.20 -4.92 -22.17
N TYR B 181 -14.79 -6.19 -22.10
CA TYR B 181 -15.10 -7.21 -23.06
C TYR B 181 -15.88 -8.34 -22.41
N LEU B 182 -16.99 -8.70 -23.02
CA LEU B 182 -17.73 -9.89 -22.66
C LEU B 182 -17.57 -10.88 -23.82
N SER B 183 -16.88 -11.97 -23.54
CA SER B 183 -16.57 -12.97 -24.58
C SER B 183 -17.50 -14.16 -24.49
N LEU B 184 -18.41 -14.27 -25.47
CA LEU B 184 -19.43 -15.31 -25.46
C LEU B 184 -19.25 -16.22 -26.66
N THR B 185 -19.94 -17.36 -26.65
CA THR B 185 -20.09 -18.15 -27.88
C THR B 185 -21.22 -17.54 -28.68
N SER B 186 -21.25 -17.80 -29.97
CA SER B 186 -22.30 -17.29 -30.83
C SER B 186 -23.66 -17.78 -30.35
N SER B 187 -23.67 -19.01 -29.82
CA SER B 187 -24.89 -19.61 -29.30
C SER B 187 -25.40 -18.85 -28.10
N ASP B 188 -24.51 -18.58 -27.14
CA ASP B 188 -24.87 -17.83 -25.94
C ASP B 188 -25.40 -16.46 -26.32
N TRP B 189 -24.71 -15.80 -27.25
CA TRP B 189 -25.12 -14.50 -27.74
C TRP B 189 -26.59 -14.51 -28.15
N LYS B 190 -26.96 -15.50 -28.96
CA LYS B 190 -28.32 -15.56 -29.51
C LYS B 190 -29.36 -15.95 -28.47
N SER B 191 -28.90 -16.52 -27.35
CA SER B 191 -29.77 -17.10 -26.34
C SER B 191 -30.38 -16.10 -25.36
N LYS B 192 -30.01 -14.82 -25.49
CA LYS B 192 -30.55 -13.78 -24.61
C LYS B 192 -31.31 -12.72 -25.40
N GLY B 193 -32.25 -12.06 -24.73
CA GLY B 193 -33.03 -10.99 -25.35
C GLY B 193 -32.26 -9.68 -25.47
N SER B 194 -31.46 -9.38 -24.45
CA SER B 194 -30.60 -8.20 -24.52
C SER B 194 -29.38 -8.35 -23.61
N TYR B 195 -28.32 -7.63 -23.95
CA TYR B 195 -27.15 -7.49 -23.09
C TYR B 195 -26.91 -6.02 -22.83
N SER B 196 -26.46 -5.68 -21.62
N SER B 196 -26.40 -5.72 -21.64
CA SER B 196 -26.17 -4.30 -21.26
CA SER B 196 -26.18 -4.34 -21.21
C SER B 196 -24.80 -4.19 -20.61
C SER B 196 -24.83 -4.15 -20.53
N CYS B 197 -24.15 -3.06 -20.88
CA CYS B 197 -22.94 -2.63 -20.20
C CYS B 197 -23.35 -1.41 -19.37
N GLU B 198 -23.30 -1.52 -18.05
CA GLU B 198 -23.65 -0.41 -17.17
C GLU B 198 -22.38 0.12 -16.53
N VAL B 199 -22.05 1.36 -16.83
CA VAL B 199 -20.81 1.97 -16.35
C VAL B 199 -21.15 2.97 -15.25
N THR B 200 -20.63 2.73 -14.05
CA THR B 200 -20.88 3.65 -12.95
C THR B 200 -19.63 4.49 -12.70
N HIS B 201 -19.86 5.77 -12.48
CA HIS B 201 -18.81 6.73 -12.29
C HIS B 201 -19.28 7.81 -11.34
N GLU B 202 -18.59 7.98 -10.23
CA GLU B 202 -18.97 8.98 -9.21
C GLU B 202 -20.46 8.93 -8.88
N GLY B 203 -20.97 7.72 -8.71
CA GLY B 203 -22.35 7.52 -8.30
C GLY B 203 -23.36 7.55 -9.42
N SER B 204 -22.94 7.94 -10.62
CA SER B 204 -23.85 8.00 -11.77
C SER B 204 -23.58 6.87 -12.75
N THR B 205 -24.65 6.30 -13.29
CA THR B 205 -24.55 5.15 -14.17
C THR B 205 -25.04 5.49 -15.57
N VAL B 206 -24.26 5.11 -16.57
CA VAL B 206 -24.62 5.25 -17.97
C VAL B 206 -24.70 3.84 -18.54
N THR B 207 -25.84 3.51 -19.13
CA THR B 207 -26.10 2.16 -19.62
C THR B 207 -26.31 2.12 -21.13
N LYS B 208 -25.67 1.14 -21.76
CA LYS B 208 -25.92 0.84 -23.16
C LYS B 208 -26.33 -0.61 -23.30
N THR B 209 -27.16 -0.85 -24.31
N THR B 209 -27.21 -0.84 -24.26
CA THR B 209 -27.82 -2.13 -24.48
CA THR B 209 -27.80 -2.16 -24.46
C THR B 209 -27.78 -2.55 -25.95
C THR B 209 -27.77 -2.56 -25.94
N VAL B 210 -27.62 -3.85 -26.18
CA VAL B 210 -27.75 -4.42 -27.52
C VAL B 210 -28.67 -5.64 -27.45
N LYS B 211 -29.44 -5.85 -28.51
CA LYS B 211 -30.41 -6.94 -28.57
C LYS B 211 -30.09 -7.82 -29.76
N PRO B 212 -29.72 -9.09 -29.51
CA PRO B 212 -29.31 -9.95 -30.63
C PRO B 212 -30.35 -10.05 -31.76
N SER B 213 -31.62 -10.25 -31.41
CA SER B 213 -32.66 -10.45 -32.42
C SER B 213 -32.92 -9.20 -33.23
N GLU B 214 -32.40 -8.07 -32.76
CA GLU B 214 -32.64 -6.78 -33.41
C GLU B 214 -31.34 -6.15 -33.85
N CYS B 215 -30.29 -6.96 -33.97
CA CYS B 215 -28.99 -6.50 -34.42
C CYS B 215 -28.71 -7.00 -35.83
N SER B 216 -28.99 -6.16 -36.81
CA SER B 216 -28.71 -6.46 -38.22
C SER B 216 -29.24 -7.83 -38.65
N PCA C 1 -19.15 -21.51 16.03
CA PCA C 1 -19.45 -22.54 14.99
CB PCA C 1 -20.67 -22.14 14.16
CG PCA C 1 -20.94 -20.68 14.47
CD PCA C 1 -20.06 -20.41 15.66
OE PCA C 1 -20.12 -19.34 16.28
C PCA C 1 -18.20 -22.75 14.14
O PCA C 1 -17.29 -23.47 14.55
N VAL C 2 -18.13 -22.10 12.98
CA VAL C 2 -16.97 -22.24 12.12
C VAL C 2 -15.77 -21.62 12.81
N GLN C 3 -14.66 -22.36 12.84
CA GLN C 3 -13.40 -21.83 13.32
C GLN C 3 -12.56 -21.28 12.17
N LEU C 4 -12.14 -20.03 12.31
CA LEU C 4 -11.36 -19.32 11.31
C LEU C 4 -10.01 -18.94 11.91
N ARG C 5 -8.94 -19.13 11.13
CA ARG C 5 -7.60 -18.80 11.60
C ARG C 5 -6.78 -18.21 10.48
N GLU C 6 -6.54 -16.91 10.57
CA GLU C 6 -5.72 -16.19 9.58
C GLU C 6 -4.24 -16.52 9.75
N SER C 7 -3.50 -16.62 8.65
CA SER C 7 -2.06 -16.62 8.74
C SER C 7 -1.48 -15.90 7.55
N GLY C 8 -0.26 -15.42 7.74
CA GLY C 8 0.43 -14.70 6.70
C GLY C 8 1.43 -13.77 7.33
N PRO C 9 2.19 -13.06 6.50
CA PRO C 9 3.19 -12.12 7.00
C PRO C 9 2.57 -10.95 7.75
N SER C 10 3.24 -10.49 8.80
CA SER C 10 2.79 -9.30 9.48
C SER C 10 3.43 -8.05 8.88
N LEU C 11 4.43 -8.24 8.02
CA LEU C 11 5.20 -7.15 7.43
C LEU C 11 5.47 -7.47 5.96
N VAL C 12 5.11 -6.54 5.08
N VAL C 12 5.10 -6.55 5.08
CA VAL C 12 5.22 -6.70 3.63
CA VAL C 12 5.32 -6.72 3.65
C VAL C 12 5.74 -5.39 3.05
C VAL C 12 5.79 -5.40 3.08
N LYS C 13 6.58 -5.47 2.02
CA LYS C 13 7.14 -4.28 1.40
C LYS C 13 6.20 -3.67 0.37
N PRO C 14 6.30 -2.35 0.16
CA PRO C 14 5.52 -1.72 -0.89
C PRO C 14 5.73 -2.38 -2.25
N SER C 15 4.65 -2.46 -3.03
N SER C 15 4.65 -2.45 -3.02
CA SER C 15 4.67 -3.00 -4.39
CA SER C 15 4.64 -3.00 -4.39
C SER C 15 4.57 -4.53 -4.43
C SER C 15 4.78 -4.52 -4.45
N GLN C 16 4.85 -5.19 -3.30
CA GLN C 16 4.81 -6.66 -3.26
C GLN C 16 3.35 -7.12 -3.16
N THR C 17 3.14 -8.41 -3.28
CA THR C 17 1.82 -9.00 -3.12
C THR C 17 1.63 -9.45 -1.67
N LEU C 18 0.53 -9.02 -1.08
CA LEU C 18 0.17 -9.46 0.25
C LEU C 18 -0.63 -10.74 0.11
N SER C 19 -0.13 -11.82 0.69
CA SER C 19 -0.79 -13.11 0.62
C SER C 19 -1.12 -13.61 2.02
N LEU C 20 -2.40 -13.88 2.25
CA LEU C 20 -2.90 -14.37 3.53
C LEU C 20 -3.66 -15.62 3.27
N THR C 21 -3.76 -16.45 4.29
N THR C 21 -3.80 -16.42 4.32
CA THR C 21 -4.58 -17.63 4.18
CA THR C 21 -4.57 -17.65 4.27
C THR C 21 -5.47 -17.69 5.40
C THR C 21 -5.42 -17.78 5.52
N CYS C 22 -6.56 -18.42 5.24
N CYS C 22 -6.60 -18.37 5.37
CA CYS C 22 -7.49 -18.68 6.31
CA CYS C 22 -7.46 -18.64 6.52
C CYS C 22 -7.81 -20.15 6.24
C CYS C 22 -8.03 -20.04 6.46
N THR C 23 -7.70 -20.81 7.38
N THR C 23 -7.65 -20.85 7.45
CA THR C 23 -8.19 -22.16 7.54
CA THR C 23 -8.18 -22.19 7.59
C THR C 23 -9.57 -22.06 8.16
C THR C 23 -9.57 -22.12 8.21
N ALA C 24 -10.56 -22.59 7.47
CA ALA C 24 -11.95 -22.51 7.91
C ALA C 24 -12.46 -23.91 8.17
N SER C 25 -12.71 -24.21 9.44
CA SER C 25 -13.09 -25.55 9.85
C SER C 25 -14.46 -25.55 10.52
N GLY C 26 -15.30 -26.49 10.08
CA GLY C 26 -16.58 -26.70 10.70
C GLY C 26 -17.34 -27.78 9.98
N PHE C 27 -18.65 -27.60 9.87
CA PHE C 27 -19.50 -28.55 9.18
C PHE C 27 -19.09 -28.56 7.73
N SER C 28 -18.80 -29.75 7.20
CA SER C 28 -18.32 -29.83 5.82
C SER C 28 -19.43 -29.43 4.85
N LEU C 29 -20.68 -29.56 5.29
CA LEU C 29 -21.81 -29.17 4.44
C LEU C 29 -22.33 -27.76 4.73
N SER C 30 -21.49 -26.93 5.34
CA SER C 30 -21.87 -25.55 5.59
C SER C 30 -22.05 -24.79 4.28
N ASP C 31 -23.10 -23.98 4.20
CA ASP C 31 -23.35 -23.16 3.02
C ASP C 31 -22.97 -21.70 3.23
N LYS C 32 -22.24 -21.41 4.30
CA LYS C 32 -21.64 -20.10 4.48
C LYS C 32 -20.49 -19.91 3.48
N ALA C 33 -20.20 -18.66 3.13
CA ALA C 33 -19.01 -18.36 2.34
C ALA C 33 -17.90 -17.95 3.28
N VAL C 34 -16.68 -17.96 2.78
CA VAL C 34 -15.56 -17.41 3.53
C VAL C 34 -15.11 -16.14 2.85
N GLY C 35 -15.06 -15.09 3.62
CA GLY C 35 -14.83 -13.75 3.12
C GLY C 35 -13.69 -13.09 3.85
N TRP C 36 -13.22 -12.00 3.25
CA TRP C 36 -12.21 -11.18 3.86
C TRP C 36 -12.71 -9.76 4.02
N VAL C 37 -12.50 -9.21 5.22
CA VAL C 37 -12.77 -7.83 5.53
C VAL C 37 -11.50 -7.25 6.12
N ARG C 38 -11.21 -6.00 5.81
CA ARG C 38 -10.09 -5.33 6.43
C ARG C 38 -10.50 -3.99 7.06
N GLN C 39 -9.66 -3.53 7.98
CA GLN C 39 -9.82 -2.21 8.56
C GLN C 39 -8.47 -1.60 8.80
N ALA C 40 -8.20 -0.53 8.08
CA ALA C 40 -6.96 0.20 8.21
C ALA C 40 -7.11 1.10 9.42
N PRO C 41 -5.99 1.46 10.06
CA PRO C 41 -6.08 2.27 11.29
C PRO C 41 -6.86 3.55 11.04
N GLY C 42 -7.91 3.77 11.83
CA GLY C 42 -8.70 4.99 11.71
C GLY C 42 -9.71 5.06 10.56
N LYS C 43 -9.84 3.98 9.79
CA LYS C 43 -10.74 3.97 8.63
C LYS C 43 -11.93 3.03 8.87
N ALA C 44 -12.86 2.99 7.92
CA ALA C 44 -13.99 2.07 8.01
C ALA C 44 -13.63 0.63 7.68
N LEU C 45 -14.45 -0.29 8.16
CA LEU C 45 -14.43 -1.65 7.69
C LEU C 45 -14.56 -1.61 6.18
N GLU C 46 -13.86 -2.49 5.51
CA GLU C 46 -13.91 -2.55 4.05
C GLU C 46 -13.94 -3.99 3.56
N TRP C 47 -14.96 -4.31 2.77
CA TRP C 47 -15.12 -5.63 2.17
C TRP C 47 -14.06 -5.85 1.08
N LEU C 48 -13.45 -7.03 1.08
CA LEU C 48 -12.52 -7.40 0.02
C LEU C 48 -13.19 -8.36 -0.94
N GLY C 49 -13.61 -9.53 -0.44
CA GLY C 49 -14.29 -10.50 -1.28
C GLY C 49 -14.50 -11.83 -0.57
N SER C 50 -15.13 -12.77 -1.26
CA SER C 50 -15.42 -14.07 -0.68
C SER C 50 -15.41 -15.14 -1.73
N ILE C 51 -15.36 -16.38 -1.25
CA ILE C 51 -15.48 -17.55 -2.10
C ILE C 51 -16.41 -18.53 -1.37
N ASP C 52 -17.20 -19.29 -2.12
CA ASP C 52 -18.12 -20.24 -1.48
C ASP C 52 -17.84 -21.68 -1.89
N THR C 53 -18.68 -22.60 -1.42
CA THR C 53 -18.48 -24.02 -1.68
C THR C 53 -18.37 -24.30 -3.17
N GLY C 54 -19.21 -23.65 -3.97
CA GLY C 54 -19.19 -23.84 -5.42
C GLY C 54 -18.01 -23.20 -6.13
N GLY C 55 -17.17 -22.49 -5.40
CA GLY C 55 -16.05 -21.81 -5.99
C GLY C 55 -16.43 -20.44 -6.56
N ASN C 56 -17.64 -19.99 -6.25
CA ASN C 56 -18.08 -18.69 -6.72
C ASN C 56 -17.38 -17.60 -5.92
N THR C 57 -16.79 -16.64 -6.61
CA THR C 57 -16.10 -15.53 -5.96
C THR C 57 -16.84 -14.22 -6.19
N GLY C 58 -16.75 -13.33 -5.22
CA GLY C 58 -17.28 -11.99 -5.35
C GLY C 58 -16.25 -11.05 -4.76
N TYR C 59 -16.12 -9.87 -5.34
CA TYR C 59 -15.14 -8.91 -4.86
C TYR C 59 -15.76 -7.55 -4.78
N ASN C 60 -15.24 -6.75 -3.84
CA ASN C 60 -15.36 -5.30 -3.87
C ASN C 60 -15.02 -4.81 -5.28
N PRO C 61 -15.99 -4.24 -6.00
CA PRO C 61 -15.75 -3.91 -7.41
C PRO C 61 -14.63 -2.89 -7.59
N GLY C 62 -14.48 -1.98 -6.63
CA GLY C 62 -13.44 -0.97 -6.71
C GLY C 62 -12.04 -1.52 -6.49
N LEU C 63 -11.93 -2.66 -5.81
CA LEU C 63 -10.63 -3.25 -5.51
C LEU C 63 -10.36 -4.52 -6.29
N LYS C 64 -11.35 -4.96 -7.08
CA LYS C 64 -11.32 -6.28 -7.68
C LYS C 64 -10.06 -6.55 -8.49
N SER C 65 -9.59 -5.57 -9.25
CA SER C 65 -8.43 -5.81 -10.10
C SER C 65 -7.15 -6.09 -9.29
N ARG C 66 -7.16 -5.78 -8.00
CA ARG C 66 -5.99 -6.02 -7.17
C ARG C 66 -6.13 -7.29 -6.32
N LEU C 67 -7.29 -7.94 -6.40
CA LEU C 67 -7.63 -9.02 -5.48
C LEU C 67 -7.78 -10.35 -6.18
N SER C 68 -7.41 -11.41 -5.45
CA SER C 68 -7.62 -12.75 -5.91
C SER C 68 -7.90 -13.61 -4.70
N ILE C 69 -9.03 -14.29 -4.72
CA ILE C 69 -9.41 -15.18 -3.64
C ILE C 69 -9.57 -16.57 -4.21
N THR C 70 -8.89 -17.54 -3.60
CA THR C 70 -8.96 -18.92 -4.09
C THR C 70 -9.11 -19.82 -2.88
N LYS C 71 -9.35 -21.10 -3.13
CA LYS C 71 -9.43 -22.05 -2.05
C LYS C 71 -8.67 -23.31 -2.41
N ASP C 72 -8.20 -24.00 -1.39
CA ASP C 72 -7.52 -25.28 -1.56
C ASP C 72 -8.20 -26.30 -0.65
N ASN C 73 -9.03 -27.15 -1.24
CA ASN C 73 -9.85 -28.05 -0.44
C ASN C 73 -9.01 -28.99 0.42
N SER C 74 -7.91 -29.49 -0.14
CA SER C 74 -7.05 -30.45 0.56
C SER C 74 -6.42 -29.87 1.83
N LYS C 75 -6.21 -28.55 1.87
CA LYS C 75 -5.61 -27.89 3.02
C LYS C 75 -6.64 -27.16 3.88
N SER C 76 -7.91 -27.22 3.49
CA SER C 76 -8.97 -26.50 4.18
C SER C 76 -8.70 -25.01 4.27
N GLN C 77 -8.07 -24.45 3.24
N GLN C 77 -8.09 -24.45 3.23
CA GLN C 77 -7.64 -23.06 3.28
CA GLN C 77 -7.65 -23.06 3.26
C GLN C 77 -8.30 -22.20 2.19
C GLN C 77 -8.30 -22.20 2.17
N VAL C 78 -8.58 -20.96 2.54
CA VAL C 78 -9.02 -19.95 1.60
C VAL C 78 -7.88 -18.94 1.61
N SER C 79 -7.46 -18.50 0.44
N SER C 79 -7.46 -18.53 0.43
CA SER C 79 -6.30 -17.62 0.30
CA SER C 79 -6.34 -17.61 0.28
C SER C 79 -6.67 -16.28 -0.32
C SER C 79 -6.83 -16.24 -0.18
N LEU C 80 -6.07 -15.21 0.19
CA LEU C 80 -6.31 -13.85 -0.32
C LEU C 80 -5.00 -13.28 -0.81
N SER C 81 -4.99 -12.73 -2.01
N SER C 81 -5.02 -12.67 -1.98
CA SER C 81 -3.84 -11.94 -2.45
CA SER C 81 -3.86 -11.95 -2.48
C SER C 81 -4.27 -10.53 -2.81
C SER C 81 -4.22 -10.52 -2.92
N VAL C 82 -3.46 -9.56 -2.40
CA VAL C 82 -3.63 -8.17 -2.74
C VAL C 82 -2.35 -7.76 -3.44
N SER C 83 -2.47 -7.37 -4.68
CA SER C 83 -1.28 -7.06 -5.46
C SER C 83 -0.81 -5.62 -5.25
N SER C 84 0.48 -5.41 -5.46
N SER C 84 0.49 -5.41 -5.44
N SER C 84 0.49 -5.42 -5.46
CA SER C 84 1.11 -4.08 -5.41
CA SER C 84 1.08 -4.07 -5.44
CA SER C 84 1.14 -4.11 -5.41
C SER C 84 0.61 -3.21 -4.26
C SER C 84 0.63 -3.20 -4.26
C SER C 84 0.65 -3.22 -4.27
N VAL C 85 0.85 -3.69 -3.04
CA VAL C 85 0.37 -2.99 -1.86
C VAL C 85 1.08 -1.67 -1.62
N THR C 86 0.41 -0.76 -0.93
CA THR C 86 1.02 0.48 -0.51
C THR C 86 0.80 0.57 0.99
N THR C 87 1.40 1.58 1.61
CA THR C 87 1.27 1.79 3.04
C THR C 87 -0.20 1.86 3.42
N GLU C 88 -1.06 2.26 2.49
CA GLU C 88 -2.49 2.35 2.74
C GLU C 88 -3.20 0.98 2.77
N ASP C 89 -2.47 -0.09 2.48
CA ASP C 89 -3.03 -1.43 2.65
C ASP C 89 -2.68 -2.00 4.03
N SER C 90 -1.95 -1.23 4.85
CA SER C 90 -1.73 -1.63 6.24
C SER C 90 -3.07 -1.62 6.93
N ALA C 91 -3.38 -2.72 7.59
CA ALA C 91 -4.72 -2.92 8.11
C ALA C 91 -4.76 -4.23 8.87
N THR C 92 -5.82 -4.43 9.62
CA THR C 92 -6.11 -5.72 10.19
C THR C 92 -7.02 -6.42 9.20
N TYR C 93 -6.59 -7.60 8.78
CA TYR C 93 -7.32 -8.41 7.82
C TYR C 93 -8.06 -9.51 8.55
N TYR C 94 -9.38 -9.50 8.41
CA TYR C 94 -10.24 -10.47 9.06
C TYR C 94 -10.76 -11.46 8.05
N CYS C 95 -10.55 -12.72 8.36
N CYS C 95 -10.58 -12.74 8.33
CA CYS C 95 -11.26 -13.81 7.71
CA CYS C 95 -11.30 -13.75 7.57
C CYS C 95 -12.65 -13.77 8.31
C CYS C 95 -12.58 -14.03 8.32
N THR C 96 -13.65 -14.20 7.55
CA THR C 96 -15.01 -14.18 8.07
C THR C 96 -15.83 -15.32 7.47
N SER C 97 -16.81 -15.77 8.25
CA SER C 97 -17.83 -16.69 7.73
C SER C 97 -19.04 -15.83 7.42
N VAL C 98 -19.51 -15.89 6.18
N VAL C 98 -19.48 -15.82 6.17
CA VAL C 98 -20.45 -14.91 5.65
CA VAL C 98 -20.49 -14.85 5.74
C VAL C 98 -21.74 -15.56 5.16
C VAL C 98 -21.73 -15.50 5.14
N HIS C 99 -22.88 -15.01 5.59
CA HIS C 99 -24.16 -15.35 5.00
C HIS C 99 -24.29 -14.61 3.68
N GLN C 100 -24.50 -15.36 2.60
CA GLN C 100 -24.73 -14.79 1.28
C GLN C 100 -25.90 -15.52 0.67
N GLU C 101 -26.96 -14.77 0.38
CA GLU C 101 -28.13 -15.37 -0.26
C GLU C 101 -28.73 -14.39 -1.23
N THR C 102 -29.06 -14.91 -2.42
CA THR C 102 -29.72 -14.15 -3.46
C THR C 102 -31.10 -14.75 -3.66
N LYS C 103 -32.12 -13.95 -3.39
CA LYS C 103 -33.51 -14.35 -3.56
C LYS C 103 -34.07 -13.67 -4.80
N LYS C 104 -34.49 -14.48 -5.78
CA LYS C 104 -35.06 -13.97 -7.01
C LYS C 104 -36.36 -13.20 -6.76
N THR C 149 -37.21 -8.86 -10.05
CA THR C 149 -36.47 -8.26 -8.94
C THR C 149 -35.53 -9.27 -8.29
N TYR C 150 -34.34 -8.80 -7.94
CA TYR C 150 -33.37 -9.58 -7.17
C TYR C 150 -33.20 -8.98 -5.78
N ASN C 151 -33.19 -9.85 -4.77
CA ASN C 151 -32.91 -9.42 -3.39
C ASN C 151 -31.63 -10.07 -2.89
N TYR C 152 -30.75 -9.24 -2.36
CA TYR C 152 -29.44 -9.71 -1.90
C TYR C 152 -29.34 -9.64 -0.39
N GLU C 153 -28.76 -10.68 0.20
CA GLU C 153 -28.57 -10.77 1.63
C GLU C 153 -27.10 -11.06 1.93
N TRP C 154 -26.51 -10.22 2.77
CA TRP C 154 -25.13 -10.39 3.19
C TRP C 154 -25.03 -10.05 4.68
N HIS C 155 -24.31 -10.86 5.43
CA HIS C 155 -23.83 -10.44 6.75
C HIS C 155 -22.74 -11.38 7.21
N VAL C 156 -21.91 -10.90 8.13
CA VAL C 156 -20.85 -11.73 8.68
C VAL C 156 -21.44 -12.44 9.88
N ASP C 157 -21.37 -13.76 9.86
CA ASP C 157 -21.88 -14.60 10.91
C ASP C 157 -20.80 -14.81 11.97
N VAL C 158 -19.58 -15.05 11.51
CA VAL C 158 -18.45 -15.27 12.42
C VAL C 158 -17.25 -14.47 11.94
N TRP C 159 -16.64 -13.73 12.88
CA TRP C 159 -15.43 -12.96 12.60
C TRP C 159 -14.21 -13.68 13.14
N GLY C 160 -13.18 -13.79 12.31
CA GLY C 160 -11.87 -14.23 12.78
C GLY C 160 -11.27 -13.14 13.65
N GLN C 161 -10.16 -13.48 14.31
CA GLN C 161 -9.52 -12.57 15.25
C GLN C 161 -8.73 -11.49 14.53
N GLY C 162 -8.45 -11.70 13.25
CA GLY C 162 -7.77 -10.69 12.48
C GLY C 162 -6.27 -10.80 12.59
N LEU C 163 -5.61 -10.47 11.49
CA LEU C 163 -4.17 -10.47 11.41
C LEU C 163 -3.73 -9.07 11.01
N LEU C 164 -2.92 -8.44 11.85
CA LEU C 164 -2.40 -7.13 11.54
C LEU C 164 -1.29 -7.24 10.52
N VAL C 165 -1.43 -6.52 9.43
CA VAL C 165 -0.43 -6.51 8.37
C VAL C 165 0.05 -5.09 8.20
N THR C 166 1.35 -4.91 8.32
CA THR C 166 1.97 -3.62 8.13
C THR C 166 2.69 -3.60 6.80
N VAL C 167 2.37 -2.61 5.97
CA VAL C 167 3.10 -2.41 4.72
C VAL C 167 4.14 -1.33 4.93
N SER C 168 5.40 -1.72 4.83
CA SER C 168 6.48 -0.81 5.16
C SER C 168 7.77 -1.28 4.53
N SER C 169 8.69 -0.36 4.30
CA SER C 169 10.02 -0.69 3.80
C SER C 169 10.96 -1.08 4.94
N ALA C 170 10.58 -0.76 6.16
CA ALA C 170 11.43 -1.02 7.32
C ALA C 170 11.60 -2.52 7.52
N SER C 171 12.69 -2.90 8.16
CA SER C 171 12.98 -4.29 8.42
C SER C 171 12.40 -4.70 9.77
N THR C 172 12.13 -5.99 9.91
CA THR C 172 11.75 -6.55 11.19
C THR C 172 12.84 -6.28 12.21
N THR C 173 12.42 -5.87 13.40
CA THR C 173 13.36 -5.56 14.47
C THR C 173 12.87 -6.14 15.78
N ALA C 174 13.71 -6.98 16.39
CA ALA C 174 13.40 -7.62 17.65
C ALA C 174 13.50 -6.61 18.79
N PRO C 175 12.57 -6.70 19.74
CA PRO C 175 12.63 -5.74 20.85
C PRO C 175 13.74 -6.07 21.82
N LYS C 176 14.19 -5.08 22.58
CA LYS C 176 14.98 -5.30 23.76
C LYS C 176 14.03 -5.13 24.94
N VAL C 177 14.10 -6.04 25.92
CA VAL C 177 13.21 -6.00 27.07
C VAL C 177 13.98 -5.58 28.31
N TYR C 178 13.53 -4.49 28.92
CA TYR C 178 14.19 -3.92 30.10
C TYR C 178 13.25 -3.94 31.29
N PRO C 179 13.76 -4.28 32.48
CA PRO C 179 12.90 -4.23 33.67
C PRO C 179 12.69 -2.79 34.12
N LEU C 180 11.48 -2.48 34.57
CA LEU C 180 11.17 -1.18 35.15
C LEU C 180 11.00 -1.35 36.65
N SER C 181 11.73 -0.56 37.43
CA SER C 181 11.60 -0.55 38.88
C SER C 181 11.83 0.85 39.40
N SER C 182 11.14 1.15 40.49
CA SER C 182 11.16 2.49 41.09
C SER C 182 12.51 2.84 41.72
N CYS C 183 12.71 4.14 41.95
CA CYS C 183 13.93 4.63 42.59
C CYS C 183 13.92 4.32 44.07
N THR C 191 1.64 0.80 47.94
CA THR C 191 1.91 -0.42 47.20
C THR C 191 3.21 -0.31 46.39
N VAL C 192 3.53 -1.37 45.66
CA VAL C 192 4.71 -1.40 44.79
C VAL C 192 4.32 -1.60 43.33
N THR C 193 5.00 -0.86 42.45
N THR C 193 4.99 -0.87 42.44
CA THR C 193 4.76 -0.96 41.02
CA THR C 193 4.73 -0.99 41.01
C THR C 193 6.03 -1.41 40.29
C THR C 193 6.00 -1.39 40.26
N LEU C 194 5.88 -2.46 39.47
CA LEU C 194 6.98 -2.99 38.68
C LEU C 194 6.55 -3.00 37.24
N GLY C 195 7.50 -3.08 36.31
CA GLY C 195 7.10 -3.20 34.93
C GLY C 195 8.19 -3.69 34.01
N CYS C 196 7.86 -3.74 32.73
N CYS C 196 7.88 -3.76 32.73
CA CYS C 196 8.81 -4.10 31.70
CA CYS C 196 8.90 -4.07 31.74
C CYS C 196 8.63 -3.14 30.55
C CYS C 196 8.67 -3.29 30.47
N LEU C 197 9.74 -2.68 29.99
CA LEU C 197 9.73 -1.88 28.77
C LEU C 197 10.15 -2.77 27.62
N VAL C 198 9.28 -2.88 26.63
CA VAL C 198 9.57 -3.65 25.44
C VAL C 198 9.97 -2.63 24.41
N SER C 199 11.27 -2.52 24.17
CA SER C 199 11.82 -1.35 23.51
C SER C 199 12.21 -1.61 22.06
N SER C 200 11.73 -0.75 21.18
CA SER C 200 12.27 -0.59 19.82
C SER C 200 12.11 -1.82 18.92
N TYR C 201 10.87 -2.12 18.55
CA TYR C 201 10.59 -3.25 17.71
C TYR C 201 9.75 -2.84 16.49
N MET C 202 9.73 -3.72 15.49
CA MET C 202 8.96 -3.54 14.27
C MET C 202 8.70 -4.93 13.72
N PRO C 203 7.47 -5.22 13.29
CA PRO C 203 6.23 -4.45 13.33
C PRO C 203 5.47 -4.79 14.61
N GLU C 204 4.31 -4.18 14.79
CA GLU C 204 3.39 -4.64 15.80
C GLU C 204 2.85 -5.99 15.36
N PRO C 205 2.34 -6.81 16.31
CA PRO C 205 2.20 -6.50 17.73
C PRO C 205 3.19 -7.28 18.59
N VAL C 206 3.16 -6.98 19.88
N VAL C 206 3.21 -6.98 19.88
CA VAL C 206 3.86 -7.72 20.91
CA VAL C 206 3.89 -7.81 20.87
C VAL C 206 2.80 -8.16 21.89
C VAL C 206 2.89 -8.11 21.95
N THR C 207 3.01 -9.28 22.55
CA THR C 207 2.18 -9.67 23.68
C THR C 207 3.03 -9.74 24.92
N VAL C 208 2.42 -9.41 26.05
CA VAL C 208 3.09 -9.46 27.34
C VAL C 208 2.17 -10.06 28.37
N THR C 209 2.66 -11.07 29.09
CA THR C 209 2.01 -11.59 30.28
C THR C 209 3.01 -11.54 31.42
N TRP C 210 2.56 -11.92 32.61
CA TRP C 210 3.42 -11.90 33.79
C TRP C 210 3.36 -13.24 34.49
N ASN C 211 4.52 -13.71 34.94
CA ASN C 211 4.62 -14.97 35.68
C ASN C 211 3.88 -16.09 34.92
N SER C 212 4.04 -16.10 33.61
CA SER C 212 3.45 -17.12 32.74
C SER C 212 1.94 -17.14 32.82
N GLY C 213 1.34 -15.99 33.10
CA GLY C 213 -0.10 -15.86 33.16
C GLY C 213 -0.69 -16.05 34.54
N ALA C 214 0.14 -16.52 35.47
CA ALA C 214 -0.30 -16.77 36.84
C ALA C 214 -0.62 -15.48 37.59
N LEU C 215 -0.20 -14.35 37.01
CA LEU C 215 -0.43 -13.05 37.63
C LEU C 215 -1.17 -12.16 36.64
N LYS C 216 -2.45 -11.93 36.91
CA LYS C 216 -3.32 -11.16 36.04
C LYS C 216 -3.86 -9.90 36.72
N SER C 217 -4.14 -10.00 38.01
N SER C 217 -4.14 -10.01 38.01
CA SER C 217 -4.66 -8.88 38.78
CA SER C 217 -4.64 -8.88 38.79
C SER C 217 -3.56 -7.85 39.05
C SER C 217 -3.53 -7.85 38.99
N GLY C 218 -3.85 -6.58 38.75
CA GLY C 218 -2.91 -5.51 38.93
C GLY C 218 -2.01 -5.28 37.72
N VAL C 219 -2.30 -5.97 36.62
CA VAL C 219 -1.51 -5.88 35.38
C VAL C 219 -2.18 -4.99 34.34
N HIS C 220 -1.46 -3.98 33.87
CA HIS C 220 -1.88 -3.32 32.65
C HIS C 220 -0.75 -3.22 31.65
N THR C 221 -1.05 -3.65 30.43
CA THR C 221 -0.16 -3.52 29.31
C THR C 221 -0.67 -2.38 28.45
N PHE C 222 0.21 -1.42 28.19
CA PHE C 222 -0.17 -0.19 27.51
C PHE C 222 0.01 -0.32 26.00
N PRO C 223 -0.81 0.41 25.23
CA PRO C 223 -0.57 0.45 23.79
C PRO C 223 0.80 1.06 23.47
N ALA C 224 1.31 0.76 22.29
CA ALA C 224 2.66 1.16 21.92
C ALA C 224 2.71 2.63 21.48
N VAL C 225 3.86 3.25 21.74
CA VAL C 225 4.22 4.50 21.11
C VAL C 225 5.00 4.15 19.86
N LEU C 226 4.85 4.96 18.83
CA LEU C 226 5.69 4.87 17.65
C LEU C 226 6.64 6.04 17.68
N GLN C 227 7.93 5.76 17.77
CA GLN C 227 8.94 6.80 17.81
C GLN C 227 9.25 7.26 16.39
N SER C 228 9.94 8.38 16.25
CA SER C 228 10.23 8.94 14.93
C SER C 228 11.20 8.06 14.15
N SER C 229 11.96 7.24 14.88
CA SER C 229 12.91 6.30 14.28
C SER C 229 12.20 5.26 13.41
N GLY C 230 10.89 5.13 13.59
CA GLY C 230 10.12 4.12 12.90
C GLY C 230 9.83 2.94 13.81
N LEU C 231 10.44 2.90 14.99
CA LEU C 231 10.26 1.75 15.90
C LEU C 231 9.26 1.98 17.04
N TYR C 232 8.60 0.89 17.40
CA TYR C 232 7.63 0.87 18.48
C TYR C 232 8.24 0.51 19.82
N SER C 233 7.64 1.04 20.87
CA SER C 233 7.89 0.57 22.23
C SER C 233 6.57 0.49 22.98
N LEU C 234 6.49 -0.47 23.90
CA LEU C 234 5.38 -0.51 24.82
C LEU C 234 5.86 -0.96 26.18
N SER C 235 5.06 -0.67 27.18
CA SER C 235 5.33 -1.05 28.55
C SER C 235 4.16 -1.81 29.13
N SER C 236 4.48 -2.64 30.11
CA SER C 236 3.51 -3.37 30.89
C SER C 236 3.89 -3.15 32.34
N MET C 237 2.88 -2.95 33.19
CA MET C 237 3.11 -2.65 34.57
C MET C 237 2.35 -3.62 35.47
N VAL C 238 2.90 -3.87 36.67
CA VAL C 238 2.22 -4.65 37.68
C VAL C 238 2.25 -3.88 38.97
N THR C 239 1.08 -3.72 39.57
CA THR C 239 0.94 -3.15 40.90
C THR C 239 0.66 -4.30 41.87
N VAL C 240 1.51 -4.45 42.88
CA VAL C 240 1.36 -5.55 43.84
C VAL C 240 1.09 -5.07 45.26
N PRO C 241 0.31 -5.83 46.04
CA PRO C 241 -0.06 -5.43 47.41
C PRO C 241 0.93 -5.91 48.47
N GLY C 242 1.72 -5.00 49.04
CA GLY C 242 2.64 -5.35 50.10
C GLY C 242 3.74 -6.31 49.70
N SER C 243 3.35 -7.45 49.12
CA SER C 243 4.30 -8.47 48.66
C SER C 243 5.33 -7.91 47.66
N THR C 244 6.47 -8.56 47.64
CA THR C 244 7.63 -8.20 46.83
C THR C 244 8.77 -9.01 47.41
N SER C 245 8.79 -9.03 48.74
CA SER C 245 9.60 -9.91 49.58
C SER C 245 10.79 -10.68 48.91
N GLY C 246 10.81 -11.99 48.61
CA GLY C 246 9.85 -13.05 48.85
C GLY C 246 9.06 -13.46 47.62
N GLN C 247 8.97 -12.54 46.65
CA GLN C 247 8.19 -12.80 45.44
C GLN C 247 8.99 -12.49 44.18
N THR C 248 8.86 -13.37 43.19
CA THR C 248 9.52 -13.24 41.91
C THR C 248 8.57 -12.60 40.90
N PHE C 249 9.10 -11.76 40.01
CA PHE C 249 8.27 -11.16 38.97
C PHE C 249 8.94 -11.26 37.62
N THR C 250 8.24 -11.90 36.68
CA THR C 250 8.80 -12.17 35.38
C THR C 250 7.82 -11.74 34.29
N CYS C 251 8.26 -10.86 33.40
N CYS C 251 8.33 -10.93 33.37
CA CYS C 251 7.39 -10.48 32.30
CA CYS C 251 7.56 -10.42 32.25
C CYS C 251 7.75 -11.33 31.09
C CYS C 251 7.79 -11.32 31.02
N ASN C 252 6.73 -11.91 30.50
CA ASN C 252 6.85 -12.82 29.37
C ASN C 252 6.55 -12.10 28.07
N VAL C 253 7.58 -11.77 27.31
CA VAL C 253 7.39 -10.96 26.12
C VAL C 253 7.48 -11.83 24.89
N ALA C 254 6.54 -11.64 23.96
CA ALA C 254 6.62 -12.29 22.65
C ALA C 254 6.45 -11.30 21.53
N HIS C 255 7.33 -11.43 20.53
CA HIS C 255 7.25 -10.66 19.31
C HIS C 255 7.34 -11.69 18.20
N PRO C 256 6.21 -12.25 17.79
CA PRO C 256 6.22 -13.35 16.81
C PRO C 256 6.90 -13.00 15.50
N ALA C 257 6.80 -11.73 15.10
CA ALA C 257 7.36 -11.30 13.83
C ALA C 257 8.86 -11.50 13.78
N SER C 258 9.50 -11.38 14.94
CA SER C 258 10.96 -11.58 15.01
C SER C 258 11.34 -12.88 15.74
N SER C 259 10.35 -13.73 15.99
CA SER C 259 10.57 -14.98 16.72
C SER C 259 11.29 -14.73 18.04
N THR C 260 10.90 -13.64 18.70
CA THR C 260 11.47 -13.27 19.98
C THR C 260 10.58 -13.75 21.11
N LYS C 261 11.13 -14.57 22.00
CA LYS C 261 10.43 -14.97 23.21
C LYS C 261 11.36 -14.82 24.39
N VAL C 262 11.07 -13.82 25.23
CA VAL C 262 11.92 -13.47 26.36
C VAL C 262 11.09 -13.43 27.63
N ASP C 263 11.59 -14.06 28.68
CA ASP C 263 10.98 -13.94 30.01
C ASP C 263 11.95 -13.18 30.90
N LYS C 264 11.62 -11.93 31.19
CA LYS C 264 12.53 -11.03 31.86
C LYS C 264 12.23 -10.93 33.35
N ALA C 265 13.23 -11.26 34.16
CA ALA C 265 13.10 -11.11 35.60
C ALA C 265 13.12 -9.63 35.96
N VAL C 266 12.20 -9.23 36.82
CA VAL C 266 12.14 -7.86 37.29
C VAL C 266 12.26 -7.90 38.80
N GLU C 267 13.37 -7.38 39.32
CA GLU C 267 13.64 -7.42 40.75
C GLU C 267 13.74 -6.00 41.32
N PRO C 268 12.94 -5.70 42.36
CA PRO C 268 13.02 -4.38 43.01
C PRO C 268 14.43 -4.03 43.49
N LYS C 269 14.66 -2.76 43.81
CA LYS C 269 15.95 -2.29 44.31
C LYS C 269 17.02 -2.36 43.22
N VAL D 3 -20.12 4.02 0.21
CA VAL D 3 -20.10 4.08 1.68
C VAL D 3 -21.42 4.63 2.23
N LEU D 4 -21.98 3.94 3.22
CA LEU D 4 -23.23 4.34 3.85
C LEU D 4 -22.92 5.47 4.82
N ASN D 5 -23.85 6.41 4.95
N ASN D 5 -23.83 6.43 4.95
CA ASN D 5 -23.67 7.61 5.77
CA ASN D 5 -23.57 7.60 5.78
C ASN D 5 -24.13 7.35 7.19
C ASN D 5 -24.12 7.47 7.19
N GLN D 6 -23.21 7.53 8.15
CA GLN D 6 -23.54 7.44 9.55
C GLN D 6 -23.03 8.70 10.19
N PRO D 7 -23.63 9.12 11.29
CA PRO D 7 -23.02 10.23 12.03
C PRO D 7 -21.68 9.82 12.60
N SER D 8 -20.74 10.75 12.65
CA SER D 8 -19.40 10.47 13.17
C SER D 8 -19.39 10.14 14.67
N SER D 9 -20.24 10.83 15.42
CA SER D 9 -20.28 10.65 16.86
C SER D 9 -21.72 10.64 17.34
N VAL D 10 -21.96 9.93 18.42
CA VAL D 10 -23.23 9.99 19.12
C VAL D 10 -22.96 9.80 20.62
N SER D 11 -23.78 10.42 21.46
CA SER D 11 -23.61 10.34 22.90
C SER D 11 -24.93 10.11 23.61
N GLY D 12 -24.86 9.45 24.76
CA GLY D 12 -26.02 9.24 25.60
C GLY D 12 -25.57 8.99 27.02
N SER D 13 -26.47 9.19 27.98
CA SER D 13 -26.12 9.01 29.37
C SER D 13 -26.45 7.59 29.82
N LEU D 14 -25.84 7.17 30.92
CA LEU D 14 -26.07 5.84 31.47
C LEU D 14 -27.56 5.58 31.63
N GLY D 15 -27.99 4.41 31.19
CA GLY D 15 -29.37 3.97 31.36
C GLY D 15 -30.32 4.53 30.33
N GLN D 16 -29.82 5.44 29.50
CA GLN D 16 -30.67 6.13 28.54
C GLN D 16 -30.58 5.49 27.16
N ARG D 17 -31.23 6.12 26.18
CA ARG D 17 -31.37 5.55 24.85
C ARG D 17 -30.66 6.42 23.84
N VAL D 18 -30.05 5.80 22.83
N VAL D 18 -30.11 5.78 22.82
CA VAL D 18 -29.53 6.54 21.68
CA VAL D 18 -29.42 6.47 21.75
C VAL D 18 -29.89 5.81 20.41
C VAL D 18 -29.67 5.73 20.45
N SER D 19 -29.85 6.52 19.29
N SER D 19 -29.89 6.49 19.39
CA SER D 19 -30.14 5.94 17.99
CA SER D 19 -30.07 5.93 18.06
C SER D 19 -29.10 6.39 16.97
C SER D 19 -28.88 6.30 17.17
N ILE D 20 -28.57 5.42 16.22
CA ILE D 20 -27.55 5.69 15.22
C ILE D 20 -28.15 5.36 13.87
N THR D 21 -28.10 6.34 12.96
CA THR D 21 -28.68 6.17 11.64
C THR D 21 -27.63 5.76 10.62
N CYS D 22 -28.10 5.08 9.58
CA CYS D 22 -27.27 4.61 8.49
C CYS D 22 -28.04 4.86 7.23
N SER D 23 -27.57 5.81 6.43
CA SER D 23 -28.30 6.27 5.26
C SER D 23 -27.57 5.93 3.98
N GLY D 24 -28.30 5.30 3.07
CA GLY D 24 -27.76 4.94 1.78
C GLY D 24 -28.73 5.21 0.66
N SER D 25 -28.76 4.27 -0.28
CA SER D 25 -29.58 4.36 -1.47
C SER D 25 -30.54 3.20 -1.56
N SER D 26 -31.44 3.28 -2.52
N SER D 26 -31.43 3.29 -2.52
CA SER D 26 -32.44 2.25 -2.74
CA SER D 26 -32.44 2.27 -2.77
C SER D 26 -31.81 0.94 -3.20
C SER D 26 -31.83 0.97 -3.25
N SER D 27 -30.56 0.99 -3.63
CA SER D 27 -29.87 -0.21 -4.12
C SER D 27 -28.97 -0.85 -3.05
N ASN D 28 -28.86 -0.22 -1.87
CA ASN D 28 -28.24 -0.89 -0.72
C ASN D 28 -29.19 -0.94 0.47
N VAL D 29 -29.13 0.07 1.35
CA VAL D 29 -30.01 0.09 2.51
C VAL D 29 -31.46 -0.16 2.13
N GLY D 30 -31.90 0.45 1.03
CA GLY D 30 -33.25 0.25 0.53
C GLY D 30 -33.57 -1.17 0.05
N ASN D 31 -32.56 -2.04 -0.04
CA ASN D 31 -32.78 -3.44 -0.40
C ASN D 31 -33.22 -4.29 0.81
N GLY D 32 -33.27 -3.68 1.99
CA GLY D 32 -33.90 -4.29 3.15
C GLY D 32 -33.20 -5.45 3.83
N TYR D 33 -31.86 -5.47 3.81
CA TYR D 33 -31.10 -6.44 4.60
C TYR D 33 -29.85 -5.77 5.18
N VAL D 34 -30.06 -4.90 6.15
CA VAL D 34 -28.98 -4.14 6.74
C VAL D 34 -28.46 -4.93 7.92
N SER D 35 -27.15 -4.88 8.13
CA SER D 35 -26.54 -5.50 9.30
C SER D 35 -25.76 -4.46 10.08
N TRP D 36 -25.51 -4.74 11.35
CA TRP D 36 -24.81 -3.82 12.23
C TRP D 36 -23.73 -4.54 13.00
N TYR D 37 -22.60 -3.86 13.19
CA TYR D 37 -21.43 -4.42 13.84
C TYR D 37 -20.91 -3.49 14.92
N GLN D 38 -20.50 -4.08 16.04
CA GLN D 38 -19.89 -3.33 17.13
C GLN D 38 -18.40 -3.61 17.19
N LEU D 39 -17.59 -2.56 17.21
CA LEU D 39 -16.14 -2.68 17.26
C LEU D 39 -15.59 -2.04 18.53
N ILE D 40 -15.17 -2.87 19.46
CA ILE D 40 -14.51 -2.36 20.66
C ILE D 40 -13.01 -2.54 20.48
N PRO D 41 -12.22 -1.49 20.75
CA PRO D 41 -10.76 -1.59 20.59
C PRO D 41 -10.16 -2.80 21.30
N GLY D 42 -9.28 -3.52 20.61
CA GLY D 42 -8.64 -4.69 21.15
C GLY D 42 -9.46 -5.97 21.03
N SER D 43 -10.63 -5.87 20.40
CA SER D 43 -11.47 -7.04 20.14
C SER D 43 -11.81 -7.13 18.67
N ALA D 44 -12.21 -8.31 18.23
CA ALA D 44 -12.69 -8.49 16.86
C ALA D 44 -14.08 -7.88 16.76
N PRO D 45 -14.46 -7.47 15.55
CA PRO D 45 -15.83 -6.99 15.38
C PRO D 45 -16.87 -8.02 15.86
N ARG D 46 -17.99 -7.51 16.32
CA ARG D 46 -19.10 -8.32 16.78
C ARG D 46 -20.35 -7.97 15.98
N THR D 47 -20.95 -8.98 15.36
CA THR D 47 -22.21 -8.80 14.67
C THR D 47 -23.35 -8.63 15.68
N LEU D 48 -24.09 -7.54 15.52
CA LEU D 48 -25.22 -7.23 16.39
C LEU D 48 -26.55 -7.60 15.76
N ILE D 49 -26.76 -7.11 14.54
CA ILE D 49 -28.04 -7.21 13.86
C ILE D 49 -27.81 -7.63 12.42
N TYR D 50 -28.71 -8.46 11.89
CA TYR D 50 -28.76 -8.70 10.44
C TYR D 50 -30.22 -8.63 9.99
N GLY D 51 -30.43 -8.51 8.68
CA GLY D 51 -31.77 -8.44 8.12
C GLY D 51 -32.62 -7.34 8.72
N ASP D 52 -32.04 -6.15 8.86
CA ASP D 52 -32.68 -4.97 9.47
C ASP D 52 -32.92 -5.06 10.98
N THR D 53 -33.44 -6.20 11.45
CA THR D 53 -34.07 -6.28 12.78
C THR D 53 -33.69 -7.52 13.60
N SER D 54 -33.11 -8.53 12.96
CA SER D 54 -32.75 -9.77 13.66
C SER D 54 -31.48 -9.60 14.47
N ARG D 55 -31.54 -9.94 15.76
CA ARG D 55 -30.37 -9.89 16.63
C ARG D 55 -29.55 -11.14 16.47
N ALA D 56 -28.23 -10.97 16.44
CA ALA D 56 -27.35 -12.11 16.35
C ALA D 56 -27.31 -12.77 17.72
N SER D 57 -26.76 -13.98 17.79
CA SER D 57 -26.76 -14.72 19.04
C SER D 57 -25.93 -14.00 20.11
N GLY D 58 -26.49 -13.94 21.32
CA GLY D 58 -25.78 -13.36 22.44
C GLY D 58 -25.97 -11.85 22.53
N VAL D 59 -26.74 -11.27 21.62
CA VAL D 59 -26.94 -9.84 21.63
C VAL D 59 -28.19 -9.51 22.41
N PRO D 60 -28.07 -8.68 23.46
CA PRO D 60 -29.25 -8.40 24.29
C PRO D 60 -30.32 -7.59 23.57
N ASP D 61 -31.57 -7.72 24.02
CA ASP D 61 -32.70 -7.10 23.34
C ASP D 61 -32.67 -5.58 23.43
N ARG D 62 -31.76 -5.02 24.22
CA ARG D 62 -31.64 -3.56 24.25
C ARG D 62 -30.93 -3.01 22.99
N PHE D 63 -30.36 -3.91 22.18
CA PHE D 63 -29.93 -3.56 20.83
C PHE D 63 -31.06 -3.85 19.86
N SER D 64 -31.50 -2.82 19.14
CA SER D 64 -32.64 -2.93 18.26
C SER D 64 -32.35 -2.29 16.90
N GLY D 65 -32.74 -2.95 15.84
CA GLY D 65 -32.54 -2.46 14.49
C GLY D 65 -33.86 -2.21 13.80
N SER D 66 -33.91 -1.13 13.03
CA SER D 66 -35.10 -0.78 12.27
C SER D 66 -34.64 -0.10 10.99
N ARG D 67 -35.57 0.08 10.06
CA ARG D 67 -35.27 0.71 8.79
C ARG D 67 -36.52 1.35 8.21
N SER D 68 -36.37 2.59 7.76
CA SER D 68 -37.41 3.31 7.06
C SER D 68 -36.87 3.79 5.72
N GLY D 69 -37.15 3.04 4.65
CA GLY D 69 -36.65 3.39 3.33
C GLY D 69 -35.14 3.31 3.28
N ASN D 70 -34.49 4.41 2.92
CA ASN D 70 -33.05 4.41 2.71
C ASN D 70 -32.23 4.83 3.94
N THR D 71 -32.86 4.79 5.11
CA THR D 71 -32.17 4.98 6.38
C THR D 71 -32.52 3.85 7.36
N ALA D 72 -31.49 3.14 7.81
CA ALA D 72 -31.64 2.17 8.87
C ALA D 72 -31.19 2.83 10.14
N THR D 73 -31.71 2.34 11.25
CA THR D 73 -31.37 2.87 12.56
C THR D 73 -31.04 1.72 13.50
N LEU D 74 -29.93 1.88 14.21
CA LEU D 74 -29.64 1.05 15.38
C LEU D 74 -30.01 1.87 16.62
N THR D 75 -30.80 1.28 17.50
CA THR D 75 -31.13 1.89 18.78
C THR D 75 -30.59 1.06 19.93
N ILE D 76 -29.91 1.73 20.86
CA ILE D 76 -29.32 1.09 22.01
C ILE D 76 -29.95 1.73 23.22
N SER D 77 -30.66 0.93 24.01
N SER D 77 -30.67 0.95 24.01
CA SER D 77 -31.31 1.40 25.23
CA SER D 77 -31.28 1.46 25.24
C SER D 77 -30.54 0.92 26.46
C SER D 77 -30.53 0.94 26.46
N SER D 78 -30.82 1.53 27.62
CA SER D 78 -30.18 1.17 28.87
C SER D 78 -28.68 1.18 28.70
N LEU D 79 -28.16 2.31 28.26
CA LEU D 79 -26.77 2.41 27.90
C LEU D 79 -25.90 2.05 29.09
N GLN D 80 -24.94 1.17 28.82
CA GLN D 80 -23.93 0.79 29.78
C GLN D 80 -22.60 1.31 29.27
N ALA D 81 -21.62 1.46 30.15
CA ALA D 81 -20.31 1.95 29.71
C ALA D 81 -19.63 1.00 28.72
N GLU D 82 -19.92 -0.29 28.83
CA GLU D 82 -19.32 -1.28 27.92
C GLU D 82 -19.83 -1.13 26.47
N ASP D 83 -20.84 -0.30 26.27
CA ASP D 83 -21.40 -0.08 24.94
C ASP D 83 -20.57 0.90 24.13
N GLU D 84 -19.68 1.63 24.79
CA GLU D 84 -18.77 2.52 24.07
C GLU D 84 -17.91 1.72 23.09
N ALA D 85 -18.00 2.11 21.83
CA ALA D 85 -17.45 1.34 20.74
C ALA D 85 -17.73 2.13 19.49
N ASP D 86 -17.22 1.63 18.37
CA ASP D 86 -17.62 2.11 17.07
C ASP D 86 -18.68 1.17 16.52
N TYR D 87 -19.72 1.74 15.92
CA TYR D 87 -20.79 0.97 15.31
C TYR D 87 -20.82 1.20 13.81
N PHE D 88 -20.82 0.11 13.05
CA PHE D 88 -20.87 0.15 11.59
C PHE D 88 -22.10 -0.55 11.10
N CYS D 89 -22.85 0.12 10.24
CA CYS D 89 -23.86 -0.59 9.45
C CYS D 89 -23.20 -1.13 8.19
N ALA D 90 -23.92 -2.03 7.50
CA ALA D 90 -23.49 -2.61 6.23
C ALA D 90 -24.70 -3.12 5.48
N SER D 91 -24.52 -3.30 4.18
CA SER D 91 -25.55 -3.86 3.34
C SER D 91 -24.90 -4.43 2.11
N ALA D 92 -25.53 -5.46 1.55
CA ALA D 92 -25.14 -5.95 0.23
C ALA D 92 -25.48 -4.86 -0.77
N GLU D 93 -24.81 -4.87 -1.91
CA GLU D 93 -25.18 -3.99 -3.01
C GLU D 93 -25.00 -4.70 -4.33
N ASP D 94 -26.11 -4.88 -5.05
CA ASP D 94 -26.10 -5.44 -6.41
C ASP D 94 -25.60 -6.88 -6.48
N SER D 95 -25.29 -7.48 -5.35
CA SER D 95 -24.84 -8.86 -5.28
C SER D 95 -24.68 -9.28 -3.83
N SER D 96 -24.90 -10.55 -3.54
CA SER D 96 -24.84 -11.03 -2.17
C SER D 96 -23.39 -11.23 -1.70
N SER D 97 -22.44 -11.12 -2.60
CA SER D 97 -21.04 -11.25 -2.24
C SER D 97 -20.32 -9.92 -2.48
N ASN D 98 -21.10 -8.84 -2.53
CA ASN D 98 -20.56 -7.49 -2.52
C ASN D 98 -21.19 -6.66 -1.41
N ALA D 99 -20.36 -6.23 -0.48
CA ALA D 99 -20.84 -5.57 0.72
C ALA D 99 -20.27 -4.17 0.84
N VAL D 100 -21.12 -3.26 1.28
N VAL D 100 -21.12 -3.25 1.25
CA VAL D 100 -20.73 -1.88 1.52
CA VAL D 100 -20.70 -1.89 1.53
C VAL D 100 -20.96 -1.55 2.99
C VAL D 100 -20.94 -1.59 3.00
N PHE D 101 -19.95 -0.98 3.63
CA PHE D 101 -20.06 -0.59 5.03
C PHE D 101 -20.37 0.90 5.17
N GLY D 102 -20.89 1.26 6.32
CA GLY D 102 -21.03 2.67 6.65
C GLY D 102 -19.72 3.28 7.16
N SER D 103 -19.75 4.58 7.38
CA SER D 103 -18.56 5.32 7.78
C SER D 103 -18.24 5.14 9.24
N GLY D 104 -19.18 4.58 10.02
CA GLY D 104 -18.90 4.28 11.42
C GLY D 104 -19.26 5.40 12.39
N THR D 105 -19.77 5.00 13.57
CA THR D 105 -20.22 5.95 14.59
C THR D 105 -19.60 5.59 15.93
N THR D 106 -18.93 6.57 16.54
CA THR D 106 -18.33 6.38 17.85
C THR D 106 -19.35 6.77 18.91
N LEU D 107 -19.64 5.84 19.79
CA LEU D 107 -20.61 6.05 20.85
C LEU D 107 -19.88 6.39 22.12
N THR D 108 -20.33 7.47 22.78
N THR D 108 -20.33 7.47 22.77
CA THR D 108 -19.81 7.84 24.08
CA THR D 108 -19.84 7.86 24.07
C THR D 108 -20.94 7.80 25.09
C THR D 108 -20.99 7.72 25.05
N VAL D 109 -20.72 7.09 26.19
CA VAL D 109 -21.71 7.00 27.25
C VAL D 109 -21.32 8.00 28.34
N LEU D 110 -22.17 9.01 28.53
CA LEU D 110 -21.93 10.08 29.48
C LEU D 110 -22.35 9.67 30.90
N GLY D 111 -21.77 10.33 31.90
CA GLY D 111 -22.19 10.15 33.28
C GLY D 111 -21.43 9.08 34.03
N GLN D 112 -20.27 8.68 33.53
CA GLN D 112 -19.46 7.71 34.25
C GLN D 112 -18.70 8.44 35.36
N PRO D 113 -18.30 7.71 36.42
CA PRO D 113 -17.59 8.33 37.55
C PRO D 113 -16.26 8.93 37.12
N LYS D 114 -16.01 10.20 37.43
CA LYS D 114 -14.71 10.78 37.16
C LYS D 114 -13.69 10.23 38.16
N SER D 115 -12.46 10.07 37.69
CA SER D 115 -11.38 9.49 38.49
C SER D 115 -10.08 10.11 38.05
N PRO D 116 -9.25 10.56 39.01
CA PRO D 116 -7.97 11.15 38.60
C PRO D 116 -6.95 10.07 38.20
N PRO D 117 -5.93 10.46 37.41
CA PRO D 117 -4.91 9.49 37.00
C PRO D 117 -3.99 9.13 38.14
N SER D 118 -3.60 7.86 38.16
CA SER D 118 -2.47 7.40 38.94
C SER D 118 -1.24 7.46 38.04
N VAL D 119 -0.13 7.94 38.55
CA VAL D 119 1.06 8.14 37.74
C VAL D 119 2.24 7.41 38.34
N THR D 120 2.95 6.68 37.48
CA THR D 120 4.22 6.08 37.87
C THR D 120 5.28 6.49 36.84
N LEU D 121 6.38 7.03 37.34
CA LEU D 121 7.51 7.40 36.50
C LEU D 121 8.66 6.49 36.79
N PHE D 122 9.08 5.72 35.78
CA PHE D 122 10.17 4.78 35.91
C PHE D 122 11.45 5.36 35.33
N PRO D 123 12.58 5.23 36.06
CA PRO D 123 13.88 5.63 35.49
C PRO D 123 14.37 4.63 34.46
N PRO D 124 15.39 5.00 33.68
CA PRO D 124 15.99 4.04 32.75
C PRO D 124 16.60 2.88 33.53
N SER D 125 16.62 1.70 32.92
CA SER D 125 17.22 0.52 33.53
C SER D 125 18.74 0.55 33.36
N THR D 126 19.41 -0.20 34.23
CA THR D 126 20.86 -0.34 34.14
C THR D 126 21.24 -0.93 32.79
N GLU D 127 20.51 -1.95 32.38
CA GLU D 127 20.82 -2.61 31.13
C GLU D 127 20.72 -1.63 29.97
N GLU D 128 19.66 -0.84 29.94
CA GLU D 128 19.51 0.11 28.84
C GLU D 128 20.64 1.14 28.90
N LEU D 129 20.97 1.58 30.12
CA LEU D 129 22.00 2.59 30.29
C LEU D 129 23.35 2.08 29.77
N ASN D 130 23.60 0.79 29.94
CA ASN D 130 24.82 0.16 29.41
C ASN D 130 24.94 0.31 27.89
N GLY D 131 23.81 0.45 27.22
CA GLY D 131 23.77 0.71 25.80
C GLY D 131 23.80 2.20 25.49
N ASN D 132 24.12 3.00 26.50
CA ASN D 132 24.18 4.46 26.35
C ASN D 132 22.84 5.11 25.94
N LYS D 133 21.73 4.44 26.23
CA LYS D 133 20.40 5.02 26.07
C LYS D 133 19.71 5.12 27.42
N ALA D 134 18.70 5.97 27.51
CA ALA D 134 17.95 6.11 28.74
C ALA D 134 16.55 6.53 28.40
N THR D 135 15.60 5.61 28.58
CA THR D 135 14.20 5.89 28.37
C THR D 135 13.47 6.04 29.71
N LEU D 136 12.88 7.21 29.94
CA LEU D 136 12.00 7.41 31.08
C LEU D 136 10.58 7.07 30.63
N VAL D 137 9.87 6.34 31.47
CA VAL D 137 8.55 5.85 31.11
C VAL D 137 7.57 6.38 32.16
N CYS D 138 6.57 7.12 31.70
CA CYS D 138 5.56 7.68 32.58
C CYS D 138 4.27 6.99 32.27
N LEU D 139 3.84 6.15 33.20
CA LEU D 139 2.66 5.33 33.03
C LEU D 139 1.50 5.93 33.80
N ILE D 140 0.41 6.13 33.08
CA ILE D 140 -0.72 6.91 33.55
C ILE D 140 -1.95 6.03 33.46
N SER D 141 -2.64 5.82 34.59
CA SER D 141 -3.76 4.88 34.62
C SER D 141 -4.92 5.32 35.51
N ASP D 142 -6.04 4.61 35.36
CA ASP D 142 -7.23 4.72 36.20
C ASP D 142 -7.94 6.06 36.13
N PHE D 143 -7.83 6.77 35.01
CA PHE D 143 -8.49 8.05 34.87
C PHE D 143 -9.73 7.99 33.99
N TYR D 144 -10.69 8.84 34.33
CA TYR D 144 -11.87 9.10 33.52
C TYR D 144 -12.34 10.54 33.75
N PRO D 145 -12.69 11.29 32.68
CA PRO D 145 -12.75 10.94 31.26
C PRO D 145 -11.37 10.64 30.69
N GLY D 146 -11.36 10.06 29.49
CA GLY D 146 -10.14 9.55 28.89
C GLY D 146 -9.35 10.59 28.11
N SER D 147 -8.94 11.64 28.80
CA SER D 147 -8.13 12.68 28.19
C SER D 147 -7.19 13.28 29.23
N VAL D 148 -5.89 13.15 28.98
CA VAL D 148 -4.88 13.77 29.82
C VAL D 148 -3.91 14.54 28.96
N THR D 149 -3.20 15.47 29.57
CA THR D 149 -2.07 16.12 28.92
C THR D 149 -0.86 15.93 29.81
N VAL D 150 0.28 15.71 29.16
CA VAL D 150 1.52 15.39 29.85
C VAL D 150 2.56 16.45 29.55
N VAL D 151 3.15 16.99 30.61
CA VAL D 151 4.26 17.91 30.47
C VAL D 151 5.45 17.26 31.14
N TRP D 152 6.59 17.27 30.47
CA TRP D 152 7.86 16.79 31.05
C TRP D 152 8.73 17.96 31.44
N LYS D 153 9.48 17.78 32.52
CA LYS D 153 10.39 18.82 32.99
C LYS D 153 11.74 18.23 33.40
N ALA D 154 12.79 19.02 33.27
CA ALA D 154 14.09 18.68 33.81
C ALA D 154 14.66 19.91 34.47
N ASP D 155 14.96 19.80 35.76
CA ASP D 155 15.46 20.92 36.54
C ASP D 155 14.56 22.14 36.37
N GLY D 156 13.25 21.91 36.42
CA GLY D 156 12.28 22.99 36.42
C GLY D 156 11.91 23.51 35.04
N SER D 157 12.68 23.14 34.02
CA SER D 157 12.43 23.59 32.67
C SER D 157 11.66 22.55 31.87
N THR D 158 10.66 22.99 31.11
CA THR D 158 9.84 22.10 30.31
C THR D 158 10.63 21.53 29.15
N ILE D 159 10.35 20.26 28.81
CA ILE D 159 10.99 19.56 27.69
C ILE D 159 9.95 19.19 26.66
N THR D 160 10.32 19.25 25.39
CA THR D 160 9.44 18.85 24.30
C THR D 160 10.15 17.88 23.38
N ARG D 161 11.46 18.05 23.23
CA ARG D 161 12.24 17.17 22.37
C ARG D 161 12.24 15.75 22.92
N ASN D 162 12.11 14.78 22.01
CA ASN D 162 12.18 13.36 22.34
C ASN D 162 11.11 12.87 23.31
N VAL D 163 9.98 13.54 23.33
CA VAL D 163 8.81 13.07 24.06
C VAL D 163 7.83 12.43 23.09
N GLU D 164 7.35 11.24 23.41
CA GLU D 164 6.27 10.61 22.64
C GLU D 164 5.22 10.11 23.61
N THR D 165 3.99 10.53 23.39
CA THR D 165 2.88 10.19 24.27
C THR D 165 1.81 9.47 23.49
N THR D 166 1.25 8.41 24.06
CA THR D 166 0.17 7.68 23.41
C THR D 166 -1.16 8.36 23.65
N ARG D 167 -2.13 8.03 22.81
CA ARG D 167 -3.52 8.39 23.07
C ARG D 167 -4.01 7.53 24.22
N ALA D 168 -4.98 8.02 24.97
CA ALA D 168 -5.58 7.24 26.05
C ALA D 168 -6.41 6.08 25.50
N SER D 169 -6.33 4.92 26.17
CA SER D 169 -7.06 3.74 25.73
C SER D 169 -7.74 3.11 26.93
N LYS D 170 -8.94 2.60 26.68
CA LYS D 170 -9.79 2.08 27.74
C LYS D 170 -9.18 0.82 28.35
N GLN D 171 -9.02 0.81 29.67
CA GLN D 171 -8.59 -0.38 30.41
C GLN D 171 -9.75 -1.35 30.56
N SER D 172 -9.48 -2.47 31.25
CA SER D 172 -10.53 -3.47 31.53
C SER D 172 -11.66 -2.86 32.33
N ASN D 173 -11.32 -2.21 33.44
CA ASN D 173 -12.32 -1.65 34.35
C ASN D 173 -12.94 -0.35 33.85
N SER D 174 -12.85 -0.11 32.54
CA SER D 174 -13.49 1.02 31.89
C SER D 174 -12.83 2.36 32.22
N LYS D 175 -11.80 2.35 33.05
CA LYS D 175 -10.96 3.54 33.21
C LYS D 175 -10.00 3.59 32.04
N TYR D 176 -9.28 4.69 31.89
CA TYR D 176 -8.38 4.88 30.76
C TYR D 176 -6.93 4.83 31.20
N ALA D 177 -6.07 4.50 30.25
CA ALA D 177 -4.64 4.46 30.46
C ALA D 177 -3.92 5.12 29.28
N ALA D 178 -2.77 5.71 29.56
CA ALA D 178 -1.92 6.29 28.54
C ALA D 178 -0.49 6.17 29.03
N SER D 179 0.48 6.36 28.15
CA SER D 179 1.88 6.35 28.56
C SER D 179 2.66 7.43 27.83
N SER D 180 3.76 7.86 28.42
CA SER D 180 4.57 8.89 27.81
C SER D 180 6.04 8.57 28.04
N TYR D 181 6.80 8.71 26.97
CA TYR D 181 8.18 8.30 26.95
C TYR D 181 9.07 9.50 26.67
N LEU D 182 10.10 9.65 27.49
CA LEU D 182 11.18 10.59 27.23
C LEU D 182 12.43 9.78 26.91
N SER D 183 12.88 9.84 25.66
CA SER D 183 13.97 8.99 25.18
C SER D 183 15.27 9.79 25.08
N LEU D 184 16.15 9.58 26.05
CA LEU D 184 17.41 10.30 26.13
C LEU D 184 18.60 9.39 25.87
N THR D 185 19.77 10.00 25.75
CA THR D 185 21.01 9.25 25.75
C THR D 185 21.37 9.09 27.20
N SER D 186 22.32 8.20 27.49
CA SER D 186 22.77 7.99 28.86
C SER D 186 23.38 9.26 29.43
N SER D 187 24.03 10.03 28.56
CA SER D 187 24.71 11.25 28.97
C SER D 187 23.73 12.34 29.38
N ASP D 188 22.73 12.59 28.52
CA ASP D 188 21.69 13.58 28.82
C ASP D 188 21.00 13.26 30.14
N TRP D 189 20.74 11.98 30.35
CA TRP D 189 20.08 11.51 31.56
C TRP D 189 20.85 11.94 32.81
N LYS D 190 22.16 11.75 32.80
CA LYS D 190 22.98 12.08 33.97
C LYS D 190 23.25 13.59 34.10
N SER D 191 23.08 14.34 33.02
CA SER D 191 23.39 15.76 33.01
C SER D 191 22.40 16.62 33.81
N LYS D 192 21.27 16.04 34.19
CA LYS D 192 20.22 16.77 34.89
C LYS D 192 20.06 16.29 36.34
N GLY D 193 19.52 17.17 37.17
CA GLY D 193 19.32 16.85 38.58
C GLY D 193 18.02 16.11 38.85
N SER D 194 17.01 16.39 38.04
CA SER D 194 15.73 15.69 38.18
C SER D 194 14.96 15.75 36.89
N TYR D 195 14.04 14.81 36.72
CA TYR D 195 13.11 14.82 35.61
C TYR D 195 11.73 14.62 36.19
N SER D 196 10.75 15.32 35.63
CA SER D 196 9.38 15.20 36.11
C SER D 196 8.41 14.91 35.01
N CYS D 197 7.42 14.09 35.35
CA CYS D 197 6.27 13.84 34.50
C CYS D 197 5.09 14.48 35.21
N GLU D 198 4.45 15.46 34.57
CA GLU D 198 3.28 16.15 35.16
C GLU D 198 2.05 15.86 34.32
N VAL D 199 1.09 15.17 34.92
CA VAL D 199 -0.12 14.72 34.22
C VAL D 199 -1.32 15.53 34.66
N THR D 200 -1.94 16.21 33.71
CA THR D 200 -3.09 17.05 33.96
C THR D 200 -4.37 16.39 33.45
N HIS D 201 -5.38 16.42 34.31
CA HIS D 201 -6.63 15.77 34.04
C HIS D 201 -7.73 16.60 34.69
N GLU D 202 -8.62 17.12 33.86
CA GLU D 202 -9.75 17.89 34.37
C GLU D 202 -9.28 18.99 35.31
N GLY D 203 -8.18 19.66 34.94
CA GLY D 203 -7.71 20.81 35.69
C GLY D 203 -6.82 20.49 36.87
N SER D 204 -6.63 19.20 37.16
CA SER D 204 -5.82 18.80 38.30
C SER D 204 -4.58 18.09 37.81
N THR D 205 -3.48 18.30 38.52
CA THR D 205 -2.19 17.77 38.09
C THR D 205 -1.60 16.86 39.14
N VAL D 206 -1.09 15.73 38.67
CA VAL D 206 -0.37 14.76 39.46
C VAL D 206 1.04 14.69 38.89
N THR D 207 2.05 14.87 39.74
CA THR D 207 3.44 14.92 39.31
C THR D 207 4.26 13.80 39.95
N LYS D 208 5.14 13.19 39.16
CA LYS D 208 6.15 12.26 39.69
C LYS D 208 7.50 12.69 39.17
N THR D 209 8.53 12.43 39.95
CA THR D 209 9.87 12.92 39.67
C THR D 209 10.89 11.81 39.91
N VAL D 210 11.96 11.82 39.13
CA VAL D 210 13.09 10.93 39.36
C VAL D 210 14.36 11.75 39.32
N LYS D 211 15.34 11.37 40.14
CA LYS D 211 16.61 12.07 40.21
C LYS D 211 17.72 11.11 39.82
N PRO D 212 18.43 11.38 38.71
CA PRO D 212 19.50 10.46 38.30
C PRO D 212 20.52 10.19 39.40
N SER D 213 20.73 11.15 40.29
CA SER D 213 21.65 10.97 41.41
C SER D 213 21.11 9.97 42.43
N GLU D 214 19.79 9.95 42.59
CA GLU D 214 19.14 9.07 43.56
C GLU D 214 19.02 7.65 43.04
N CYS D 215 19.02 7.47 41.73
CA CYS D 215 18.97 6.14 41.12
C CYS D 215 20.39 5.63 40.86
K K E . 34.90 5.23 -22.50
C1 CIT F . 58.99 12.58 14.28
O1 CIT F . 58.98 13.46 13.38
O2 CIT F . 59.31 12.90 15.45
C2 CIT F . 58.65 11.14 13.95
C3 CIT F . 57.40 11.05 13.07
O7 CIT F . 57.75 11.63 11.79
C4 CIT F . 57.00 9.58 12.88
C5 CIT F . 55.94 9.37 11.82
O3 CIT F . 55.01 10.18 11.63
O4 CIT F . 55.99 8.33 11.11
C6 CIT F . 56.26 11.88 13.69
O5 CIT F . 55.76 12.86 13.06
O6 CIT F . 55.84 11.61 14.85
#